data_4PXE
#
_entry.id   4PXE
#
_cell.length_a   69.983
_cell.length_b   89.758
_cell.length_c   163.932
_cell.angle_alpha   90.000
_cell.angle_beta   90.000
_cell.angle_gamma   90.000
#
_symmetry.space_group_name_H-M   'P 21 21 21'
#
loop_
_entity.id
_entity.type
_entity.pdbx_description
1 polymer 'Ureidoglycolate hydrolase'
2 non-polymer 'MANGANESE (II) ION'
3 non-polymer 'GLYOXYLIC ACID'
4 water water
#
_entity_poly.entity_id   1
_entity_poly.type   'polypeptide(L)'
_entity_poly.pdbx_seq_one_letter_code
;GHMFGSINLASSLSVDAPGLQNQIDELSSFSDAPSPSVTRVLYTDKDVSARRYVKNLMALAGLTVREDAVGNIFGKWDGL
EPNLPAVATGSHIDAIPYSGKYDGVVGVLGAIEAINVLKRSGFKPKRSLEIILFTSEEPTRFGISCLGSRLLAGSKELAE
ALKTTVVDGQNVSFIEAARSAGYAEDKDDDLSSVFLKKGSYFAFLELHIEQGPILEDEGLDIGVVTAIAAPASLKVEFEG
NGGHAGAVLMPYRNDAGLAAAELALAVEKHVLESESIDTVGTVGILELHPGAINSIPSKSHLEIDTRDIDEARRNTVIKK
IQESANTIAKKRKVKLSEFKIVNQDPPALSDKLVIKKMAEAATELNLSHKMMISRAYHDSLFMARISPMGMIFIPCYKGY
SHKPEEYSSPEDMANGVKVLSLTLAKLSLD
;
_entity_poly.pdbx_strand_id   A,B
#
# COMPACT_ATOMS: atom_id res chain seq x y z
N ASN A 8 -35.80 12.05 -43.13
CA ASN A 8 -34.49 11.62 -43.60
C ASN A 8 -33.84 10.64 -42.63
N LEU A 9 -32.57 10.33 -42.85
CA LEU A 9 -31.85 9.45 -41.95
C LEU A 9 -31.83 10.00 -40.52
N ALA A 10 -31.46 11.26 -40.38
CA ALA A 10 -31.37 11.90 -39.07
C ALA A 10 -32.66 11.79 -38.25
N SER A 11 -33.78 12.10 -38.89
CA SER A 11 -35.06 12.11 -38.18
C SER A 11 -35.51 10.69 -37.84
N SER A 12 -34.97 9.69 -38.54
CA SER A 12 -35.35 8.30 -38.30
C SER A 12 -34.56 7.62 -37.18
N LEU A 13 -33.50 8.25 -36.71
CA LEU A 13 -32.65 7.63 -35.70
C LEU A 13 -33.37 7.56 -34.36
N SER A 14 -33.51 6.36 -33.82
CA SER A 14 -34.08 6.22 -32.47
C SER A 14 -33.27 5.23 -31.66
N VAL A 15 -32.96 5.64 -30.43
CA VAL A 15 -32.11 4.89 -29.52
C VAL A 15 -32.97 4.24 -28.45
N ASP A 16 -32.61 3.02 -28.05
CA ASP A 16 -33.26 2.39 -26.91
C ASP A 16 -32.52 2.91 -25.67
N ALA A 17 -32.94 4.08 -25.18
CA ALA A 17 -32.24 4.71 -24.06
C ALA A 17 -32.26 3.90 -22.75
N PRO A 18 -33.44 3.37 -22.33
CA PRO A 18 -33.42 2.54 -21.12
C PRO A 18 -32.63 1.24 -21.33
N GLY A 19 -32.66 0.72 -22.55
CA GLY A 19 -31.94 -0.52 -22.83
C GLY A 19 -30.44 -0.32 -22.73
N LEU A 20 -29.95 0.79 -23.27
CA LEU A 20 -28.53 1.13 -23.13
C LEU A 20 -28.14 1.31 -21.66
N GLN A 21 -29.00 1.98 -20.89
CA GLN A 21 -28.75 2.11 -19.45
C GLN A 21 -28.65 0.76 -18.76
N ASN A 22 -29.55 -0.15 -19.13
CA ASN A 22 -29.53 -1.50 -18.57
CA ASN A 22 -29.52 -1.49 -18.55
C ASN A 22 -28.21 -2.20 -18.85
N GLN A 23 -27.68 -2.00 -20.06
CA GLN A 23 -26.39 -2.60 -20.41
C GLN A 23 -25.24 -1.99 -19.61
N ILE A 24 -25.28 -0.68 -19.39
CA ILE A 24 -24.30 0.00 -18.55
C ILE A 24 -24.31 -0.61 -17.15
N ASP A 25 -25.50 -0.82 -16.61
CA ASP A 25 -25.64 -1.37 -15.27
C ASP A 25 -25.17 -2.83 -15.23
N GLU A 26 -25.56 -3.63 -16.21
CA GLU A 26 -25.12 -5.02 -16.26
C GLU A 26 -23.59 -5.12 -16.35
N LEU A 27 -22.98 -4.32 -17.21
CA LEU A 27 -21.53 -4.36 -17.32
C LEU A 27 -20.83 -3.98 -16.01
N SER A 28 -21.42 -3.05 -15.26
CA SER A 28 -20.83 -2.59 -14.02
C SER A 28 -20.78 -3.67 -12.94
N SER A 29 -21.54 -4.75 -13.13
CA SER A 29 -21.51 -5.86 -12.18
C SER A 29 -20.21 -6.65 -12.25
N PHE A 30 -19.48 -6.53 -13.35
CA PHE A 30 -18.19 -7.20 -13.50
C PHE A 30 -17.11 -6.34 -12.86
N SER A 31 -16.99 -6.46 -11.55
CA SER A 31 -16.21 -5.50 -10.77
C SER A 31 -15.60 -6.15 -9.55
N ASP A 32 -14.37 -5.74 -9.22
CA ASP A 32 -13.72 -6.18 -7.99
C ASP A 32 -14.02 -5.25 -6.81
N ALA A 33 -14.73 -4.15 -7.07
CA ALA A 33 -15.20 -3.25 -6.02
C ALA A 33 -16.71 -3.38 -5.91
N PRO A 34 -17.25 -3.23 -4.69
CA PRO A 34 -18.71 -3.28 -4.54
C PRO A 34 -19.39 -2.05 -5.16
N SER A 35 -20.52 -2.27 -5.80
CA SER A 35 -21.37 -1.19 -6.32
C SER A 35 -21.60 -0.20 -5.19
N PRO A 36 -21.62 1.11 -5.50
CA PRO A 36 -21.64 1.75 -6.82
C PRO A 36 -20.28 1.90 -7.49
N SER A 37 -19.19 1.48 -6.85
CA SER A 37 -17.87 1.61 -7.46
C SER A 37 -17.60 0.48 -8.44
N VAL A 38 -16.70 0.75 -9.38
CA VAL A 38 -16.25 -0.26 -10.31
C VAL A 38 -14.74 -0.34 -10.23
N THR A 39 -14.20 -1.56 -10.19
CA THR A 39 -12.78 -1.80 -10.44
C THR A 39 -12.71 -2.93 -11.45
N ARG A 40 -12.06 -2.70 -12.58
CA ARG A 40 -11.96 -3.77 -13.57
C ARG A 40 -10.64 -3.64 -14.33
N VAL A 41 -9.70 -4.50 -13.98
CA VAL A 41 -8.34 -4.38 -14.45
C VAL A 41 -8.02 -5.36 -15.57
N LEU A 42 -7.26 -4.86 -16.54
CA LEU A 42 -6.76 -5.63 -17.68
C LEU A 42 -6.38 -7.07 -17.34
N TYR A 43 -7.00 -8.00 -18.07
CA TYR A 43 -6.70 -9.45 -18.04
C TYR A 43 -7.15 -10.21 -16.79
N THR A 44 -7.78 -9.54 -15.83
CA THR A 44 -8.36 -10.24 -14.70
C THR A 44 -9.65 -10.96 -15.10
N ASP A 45 -10.16 -11.77 -14.19
CA ASP A 45 -11.42 -12.48 -14.43
C ASP A 45 -12.60 -11.55 -14.75
N LYS A 46 -12.68 -10.42 -14.03
CA LYS A 46 -13.73 -9.44 -14.30
C LYS A 46 -13.60 -8.85 -15.71
N ASP A 47 -12.37 -8.58 -16.14
CA ASP A 47 -12.12 -8.10 -17.49
C ASP A 47 -12.59 -9.12 -18.53
N VAL A 48 -12.24 -10.39 -18.31
CA VAL A 48 -12.63 -11.44 -19.22
C VAL A 48 -14.18 -11.55 -19.33
N SER A 49 -14.87 -11.46 -18.20
CA SER A 49 -16.34 -11.47 -18.20
C SER A 49 -16.92 -10.30 -19.01
N ALA A 50 -16.34 -9.12 -18.84
CA ALA A 50 -16.80 -7.94 -19.56
C ALA A 50 -16.51 -8.04 -21.07
N ARG A 51 -15.33 -8.57 -21.44
CA ARG A 51 -15.03 -8.81 -22.85
C ARG A 51 -16.07 -9.72 -23.49
N ARG A 52 -16.43 -10.79 -22.77
CA ARG A 52 -17.41 -11.76 -23.26
CA ARG A 52 -17.40 -11.75 -23.29
C ARG A 52 -18.77 -11.11 -23.46
N TYR A 53 -19.15 -10.26 -22.51
CA TYR A 53 -20.43 -9.56 -22.58
C TYR A 53 -20.48 -8.68 -23.83
N VAL A 54 -19.41 -7.93 -24.07
CA VAL A 54 -19.33 -7.06 -25.23
C VAL A 54 -19.30 -7.84 -26.56
N LYS A 55 -18.50 -8.90 -26.62
CA LYS A 55 -18.44 -9.73 -27.82
C LYS A 55 -19.81 -10.33 -28.16
N ASN A 56 -20.57 -10.72 -27.14
CA ASN A 56 -21.93 -11.22 -27.33
C ASN A 56 -22.82 -10.16 -27.96
N LEU A 57 -22.75 -8.93 -27.45
CA LEU A 57 -23.52 -7.84 -28.05
C LEU A 57 -23.10 -7.54 -29.49
N MET A 58 -21.81 -7.60 -29.78
CA MET A 58 -21.33 -7.36 -31.13
C MET A 58 -21.89 -8.42 -32.08
N ALA A 59 -21.88 -9.67 -31.64
CA ALA A 59 -22.40 -10.76 -32.47
C ALA A 59 -23.90 -10.60 -32.67
N LEU A 60 -24.62 -10.20 -31.61
CA LEU A 60 -26.07 -9.99 -31.72
C LEU A 60 -26.39 -8.88 -32.71
N ALA A 61 -25.49 -7.92 -32.84
CA ALA A 61 -25.64 -6.81 -33.77
C ALA A 61 -25.22 -7.19 -35.19
N GLY A 62 -24.86 -8.45 -35.39
CA GLY A 62 -24.49 -8.95 -36.71
C GLY A 62 -23.10 -8.55 -37.19
N LEU A 63 -22.22 -8.19 -36.27
CA LEU A 63 -20.87 -7.75 -36.65
C LEU A 63 -19.91 -8.93 -36.79
N THR A 64 -19.00 -8.82 -37.73
CA THR A 64 -17.87 -9.76 -37.81
C THR A 64 -16.89 -9.45 -36.68
N VAL A 65 -16.70 -10.42 -35.79
CA VAL A 65 -15.90 -10.21 -34.58
C VAL A 65 -14.53 -10.87 -34.67
N ARG A 66 -13.48 -10.10 -34.41
CA ARG A 66 -12.13 -10.66 -34.37
C ARG A 66 -11.33 -10.01 -33.27
N GLU A 67 -10.25 -10.67 -32.87
CA GLU A 67 -9.35 -10.18 -31.84
C GLU A 67 -7.91 -10.27 -32.31
N ASP A 68 -7.09 -9.32 -31.88
CA ASP A 68 -5.67 -9.38 -32.22
C ASP A 68 -4.86 -10.00 -31.08
N ALA A 69 -3.54 -10.00 -31.23
CA ALA A 69 -2.66 -10.73 -30.32
C ALA A 69 -2.74 -10.30 -28.85
N VAL A 70 -3.14 -9.05 -28.61
CA VAL A 70 -3.19 -8.54 -27.24
C VAL A 70 -4.61 -8.35 -26.74
N GLY A 71 -5.59 -8.67 -27.58
CA GLY A 71 -6.97 -8.64 -27.13
C GLY A 71 -7.75 -7.38 -27.47
N ASN A 72 -7.24 -6.56 -28.39
CA ASN A 72 -8.11 -5.57 -29.01
C ASN A 72 -9.18 -6.33 -29.76
N ILE A 73 -10.43 -5.90 -29.63
CA ILE A 73 -11.57 -6.59 -30.20
C ILE A 73 -12.21 -5.72 -31.27
N PHE A 74 -12.53 -6.31 -32.42
CA PHE A 74 -13.03 -5.57 -33.56
C PHE A 74 -14.35 -6.17 -34.00
N GLY A 75 -15.33 -5.31 -34.30
CA GLY A 75 -16.63 -5.75 -34.78
C GLY A 75 -17.03 -4.97 -36.01
N LYS A 76 -17.00 -5.64 -37.17
CA LYS A 76 -17.22 -4.95 -38.44
C LYS A 76 -18.60 -5.20 -39.08
N TRP A 77 -19.18 -4.12 -39.58
CA TRP A 77 -20.35 -4.19 -40.46
C TRP A 77 -19.81 -3.93 -41.87
N ASP A 78 -19.82 -4.97 -42.71
CA ASP A 78 -19.25 -4.88 -44.05
C ASP A 78 -20.07 -3.94 -44.93
N GLY A 79 -19.39 -3.02 -45.59
CA GLY A 79 -20.05 -2.07 -46.48
C GLY A 79 -20.16 -2.59 -47.90
N LEU A 80 -20.79 -1.79 -48.76
CA LEU A 80 -20.93 -2.09 -50.18
C LEU A 80 -19.59 -2.11 -50.88
N GLU A 81 -18.64 -1.33 -50.36
CA GLU A 81 -17.28 -1.29 -50.88
C GLU A 81 -16.28 -1.65 -49.78
N PRO A 82 -16.19 -2.95 -49.44
CA PRO A 82 -15.44 -3.41 -48.27
C PRO A 82 -13.93 -3.27 -48.38
N ASN A 83 -13.40 -3.02 -49.58
CA ASN A 83 -11.96 -2.84 -49.73
C ASN A 83 -11.49 -1.43 -49.35
N LEU A 84 -12.42 -0.48 -49.23
CA LEU A 84 -12.05 0.86 -48.80
C LEU A 84 -11.69 0.85 -47.32
N PRO A 85 -10.75 1.72 -46.93
CA PRO A 85 -10.50 1.91 -45.49
C PRO A 85 -11.81 2.20 -44.76
N ALA A 86 -12.04 1.49 -43.66
CA ALA A 86 -13.31 1.56 -42.94
C ALA A 86 -13.39 2.80 -42.05
N VAL A 87 -14.60 3.13 -41.61
CA VAL A 87 -14.78 4.13 -40.57
C VAL A 87 -14.82 3.40 -39.23
N ALA A 88 -13.92 3.77 -38.33
CA ALA A 88 -13.78 3.08 -37.05
C ALA A 88 -14.29 3.92 -35.89
N THR A 89 -14.76 3.24 -34.86
CA THR A 89 -15.16 3.93 -33.62
C THR A 89 -14.97 2.98 -32.46
N GLY A 90 -14.67 3.52 -31.28
CA GLY A 90 -14.58 2.65 -30.13
C GLY A 90 -13.98 3.30 -28.91
N SER A 91 -13.80 2.51 -27.87
CA SER A 91 -13.32 3.00 -26.58
C SER A 91 -12.89 1.80 -25.73
N HIS A 92 -12.80 2.02 -24.42
CA HIS A 92 -12.29 0.97 -23.52
C HIS A 92 -13.36 0.58 -22.49
N ILE A 93 -13.19 -0.57 -21.85
CA ILE A 93 -14.07 -0.93 -20.75
C ILE A 93 -13.32 -1.19 -19.45
N ASP A 94 -12.00 -1.09 -19.45
CA ASP A 94 -11.32 -1.20 -18.16
C ASP A 94 -11.63 0.01 -17.28
N ALA A 95 -11.53 -0.18 -15.97
CA ALA A 95 -11.92 0.80 -14.96
C ALA A 95 -10.85 0.82 -13.87
N ILE A 96 -10.34 2.00 -13.55
CA ILE A 96 -9.38 2.09 -12.45
C ILE A 96 -10.05 1.80 -11.10
N PRO A 97 -9.25 1.50 -10.06
CA PRO A 97 -9.89 1.18 -8.78
C PRO A 97 -10.87 2.23 -8.27
N TYR A 98 -12.06 1.77 -7.89
CA TYR A 98 -13.09 2.61 -7.28
C TYR A 98 -13.49 3.78 -8.17
N SER A 99 -13.81 3.44 -9.40
CA SER A 99 -14.23 4.45 -10.37
C SER A 99 -15.70 4.27 -10.76
N GLY A 100 -16.11 4.91 -11.85
CA GLY A 100 -17.52 4.92 -12.25
C GLY A 100 -17.85 3.92 -13.33
N LYS A 101 -19.08 4.00 -13.84
CA LYS A 101 -19.64 3.02 -14.79
C LYS A 101 -19.68 3.53 -16.23
N TYR A 102 -19.29 4.78 -16.46
CA TYR A 102 -19.52 5.45 -17.74
C TYR A 102 -18.25 5.73 -18.55
N ASP A 103 -17.15 5.96 -17.85
CA ASP A 103 -15.86 6.19 -18.49
C ASP A 103 -15.51 5.01 -19.40
N GLY A 104 -15.28 5.30 -20.68
CA GLY A 104 -14.98 4.26 -21.66
C GLY A 104 -16.19 3.46 -22.13
N VAL A 105 -16.95 2.95 -21.16
CA VAL A 105 -18.06 2.06 -21.46
C VAL A 105 -19.08 2.70 -22.39
N VAL A 106 -19.38 3.98 -22.20
CA VAL A 106 -20.34 4.65 -23.10
C VAL A 106 -19.93 4.57 -24.57
N GLY A 107 -18.63 4.73 -24.85
CA GLY A 107 -18.17 4.67 -26.23
C GLY A 107 -18.06 3.27 -26.82
N VAL A 108 -18.17 2.24 -25.98
CA VAL A 108 -18.19 0.86 -26.47
C VAL A 108 -19.64 0.38 -26.64
N LEU A 109 -20.41 0.38 -25.56
CA LEU A 109 -21.82 0.03 -25.64
C LEU A 109 -22.59 1.00 -26.53
N GLY A 110 -22.21 2.27 -26.49
CA GLY A 110 -22.85 3.27 -27.30
C GLY A 110 -22.54 3.09 -28.77
N ALA A 111 -21.34 2.59 -29.09
CA ALA A 111 -20.99 2.33 -30.48
C ALA A 111 -21.79 1.16 -31.02
N ILE A 112 -21.97 0.14 -30.20
CA ILE A 112 -22.80 -1.01 -30.60
C ILE A 112 -24.24 -0.55 -30.80
N GLU A 113 -24.73 0.29 -29.89
CA GLU A 113 -26.07 0.84 -30.05
C GLU A 113 -26.18 1.69 -31.32
N ALA A 114 -25.12 2.41 -31.67
CA ALA A 114 -25.11 3.19 -32.90
C ALA A 114 -25.27 2.30 -34.14
N ILE A 115 -24.63 1.13 -34.14
CA ILE A 115 -24.80 0.17 -35.22
C ILE A 115 -26.25 -0.28 -35.30
N ASN A 116 -26.81 -0.66 -34.15
CA ASN A 116 -28.18 -1.11 -34.10
C ASN A 116 -29.19 -0.03 -34.53
N VAL A 117 -28.91 1.22 -34.15
CA VAL A 117 -29.71 2.37 -34.57
C VAL A 117 -29.70 2.51 -36.10
N LEU A 118 -28.52 2.43 -36.70
CA LEU A 118 -28.37 2.54 -38.15
C LEU A 118 -29.06 1.40 -38.87
N LYS A 119 -28.94 0.19 -38.32
CA LYS A 119 -29.61 -0.97 -38.92
C LYS A 119 -31.14 -0.83 -38.85
N ARG A 120 -31.68 -0.35 -37.73
CA ARG A 120 -33.13 -0.15 -37.62
C ARG A 120 -33.63 0.86 -38.64
N SER A 121 -32.76 1.82 -39.01
CA SER A 121 -33.12 2.84 -39.99
C SER A 121 -32.87 2.41 -41.44
N GLY A 122 -32.37 1.19 -41.63
CA GLY A 122 -32.10 0.66 -42.97
C GLY A 122 -30.92 1.29 -43.68
N PHE A 123 -29.97 1.82 -42.90
CA PHE A 123 -28.80 2.44 -43.50
C PHE A 123 -27.94 1.41 -44.22
N LYS A 124 -27.43 1.80 -45.38
CA LYS A 124 -26.57 0.92 -46.18
C LYS A 124 -25.18 1.54 -46.32
N PRO A 125 -24.23 1.10 -45.48
CA PRO A 125 -22.88 1.70 -45.56
C PRO A 125 -22.16 1.43 -46.87
N LYS A 126 -21.41 2.42 -47.35
CA LYS A 126 -20.49 2.24 -48.46
C LYS A 126 -19.18 1.69 -47.89
N ARG A 127 -18.43 2.55 -47.18
CA ARG A 127 -17.32 2.08 -46.38
C ARG A 127 -17.85 1.27 -45.20
N SER A 128 -17.14 0.21 -44.85
CA SER A 128 -17.51 -0.60 -43.69
C SER A 128 -17.42 0.25 -42.44
N LEU A 129 -18.17 -0.15 -41.42
CA LEU A 129 -18.04 0.44 -40.11
C LEU A 129 -17.43 -0.59 -39.18
N GLU A 130 -16.49 -0.17 -38.33
CA GLU A 130 -15.87 -1.11 -37.41
C GLU A 130 -15.75 -0.56 -35.99
N ILE A 131 -16.26 -1.33 -35.04
CA ILE A 131 -16.19 -0.97 -33.63
C ILE A 131 -14.96 -1.61 -33.02
N ILE A 132 -14.19 -0.81 -32.28
CA ILE A 132 -13.01 -1.30 -31.60
C ILE A 132 -13.20 -1.24 -30.09
N LEU A 133 -13.08 -2.39 -29.44
CA LEU A 133 -12.92 -2.41 -28.00
C LEU A 133 -11.43 -2.51 -27.73
N PHE A 134 -10.82 -1.40 -27.32
CA PHE A 134 -9.39 -1.41 -27.04
C PHE A 134 -9.12 -2.30 -25.84
N THR A 135 -8.01 -3.04 -25.88
CA THR A 135 -7.80 -4.08 -24.88
C THR A 135 -7.67 -3.53 -23.46
N SER A 136 -7.15 -2.31 -23.36
CA SER A 136 -7.03 -1.60 -22.08
C SER A 136 -6.59 -0.19 -22.40
N GLU A 137 -7.15 0.79 -21.69
CA GLU A 137 -6.74 2.17 -21.86
C GLU A 137 -6.14 2.73 -20.56
N GLU A 138 -6.55 2.16 -19.43
CA GLU A 138 -6.08 2.67 -18.13
C GLU A 138 -4.72 2.09 -17.75
N PRO A 139 -3.88 2.88 -17.06
CA PRO A 139 -2.50 2.46 -16.75
C PRO A 139 -2.39 1.59 -15.51
N THR A 140 -3.52 1.17 -14.95
CA THR A 140 -3.56 0.51 -13.63
C THR A 140 -2.61 -0.67 -13.44
N ARG A 141 -2.61 -1.61 -14.37
CA ARG A 141 -1.90 -2.85 -14.13
C ARG A 141 -0.40 -2.76 -14.38
N PHE A 142 -0.01 -2.24 -15.53
CA PHE A 142 1.39 -2.22 -15.93
C PHE A 142 2.01 -0.82 -15.96
N GLY A 143 1.24 0.20 -15.60
CA GLY A 143 1.75 1.57 -15.64
C GLY A 143 1.71 2.17 -17.05
N ILE A 144 1.14 1.42 -17.97
CA ILE A 144 1.09 1.80 -19.38
C ILE A 144 -0.35 2.16 -19.77
N SER A 145 -0.57 3.43 -20.11
CA SER A 145 -1.90 3.86 -20.59
C SER A 145 -2.03 3.49 -22.05
N CYS A 146 -3.27 3.38 -22.52
CA CYS A 146 -3.53 3.15 -23.95
C CYS A 146 -2.71 2.02 -24.51
N LEU A 147 -2.63 0.91 -23.78
CA LEU A 147 -1.75 -0.19 -24.19
C LEU A 147 -2.13 -0.69 -25.58
N GLY A 148 -3.43 -0.90 -25.80
CA GLY A 148 -3.91 -1.38 -27.07
C GLY A 148 -3.68 -0.42 -28.21
N SER A 149 -4.04 0.84 -28.04
CA SER A 149 -3.95 1.81 -29.12
C SER A 149 -2.52 2.26 -29.41
N ARG A 150 -1.66 2.26 -28.40
CA ARG A 150 -0.24 2.56 -28.63
C ARG A 150 0.35 1.49 -29.55
N LEU A 151 -0.08 0.25 -29.36
CA LEU A 151 0.35 -0.85 -30.25
C LEU A 151 -0.26 -0.75 -31.64
N LEU A 152 -1.56 -0.45 -31.72
CA LEU A 152 -2.17 -0.27 -33.04
C LEU A 152 -1.45 0.83 -33.81
N ALA A 153 -1.00 1.86 -33.11
CA ALA A 153 -0.28 2.97 -33.72
C ALA A 153 1.21 2.70 -33.98
N GLY A 154 1.66 1.47 -33.72
CA GLY A 154 2.96 1.04 -34.17
C GLY A 154 4.16 1.29 -33.27
N SER A 155 3.97 1.33 -31.95
CA SER A 155 5.08 1.55 -31.04
C SER A 155 5.95 0.29 -30.91
N LYS A 156 7.09 0.27 -31.60
CA LYS A 156 8.01 -0.86 -31.50
C LYS A 156 8.64 -0.90 -30.11
N GLU A 157 8.86 0.27 -29.53
CA GLU A 157 9.42 0.37 -28.18
C GLU A 157 8.51 -0.30 -27.16
N LEU A 158 7.21 -0.11 -27.30
CA LEU A 158 6.26 -0.73 -26.38
C LEU A 158 6.19 -2.24 -26.61
N ALA A 159 6.12 -2.66 -27.88
CA ALA A 159 6.06 -4.08 -28.21
C ALA A 159 7.25 -4.82 -27.62
N GLU A 160 8.44 -4.23 -27.78
CA GLU A 160 9.67 -4.82 -27.23
C GLU A 160 9.60 -4.94 -25.71
N ALA A 161 9.21 -3.85 -25.05
CA ALA A 161 9.10 -3.85 -23.60
C ALA A 161 8.12 -4.90 -23.09
N LEU A 162 6.96 -5.00 -23.73
CA LEU A 162 5.95 -5.95 -23.31
C LEU A 162 6.44 -7.40 -23.28
N LYS A 163 7.34 -7.73 -24.20
CA LYS A 163 7.81 -9.10 -24.33
C LYS A 163 9.08 -9.37 -23.55
N THR A 164 9.74 -8.30 -23.08
CA THR A 164 11.03 -8.47 -22.43
C THR A 164 11.11 -8.05 -20.95
N THR A 165 10.45 -6.96 -20.58
CA THR A 165 10.63 -6.43 -19.22
C THR A 165 9.36 -6.13 -18.44
N VAL A 166 8.23 -5.94 -19.13
CA VAL A 166 7.05 -5.44 -18.43
C VAL A 166 6.41 -6.45 -17.49
N VAL A 167 6.24 -6.03 -16.24
CA VAL A 167 5.56 -6.83 -15.20
C VAL A 167 4.62 -5.92 -14.41
N ASP A 168 3.66 -6.50 -13.72
CA ASP A 168 2.77 -5.70 -12.86
C ASP A 168 3.31 -5.58 -11.44
N GLY A 169 2.49 -5.00 -10.56
CA GLY A 169 2.91 -4.76 -9.18
C GLY A 169 3.14 -6.03 -8.38
N GLN A 170 2.63 -7.15 -8.87
CA GLN A 170 2.81 -8.43 -8.18
C GLN A 170 3.82 -9.30 -8.93
N ASN A 171 4.61 -8.65 -9.79
CA ASN A 171 5.63 -9.30 -10.59
C ASN A 171 5.10 -10.32 -11.61
N VAL A 172 3.83 -10.19 -12.00
CA VAL A 172 3.31 -11.02 -13.08
C VAL A 172 3.63 -10.34 -14.42
N SER A 173 4.22 -11.09 -15.34
CA SER A 173 4.63 -10.50 -16.61
C SER A 173 3.42 -10.20 -17.48
N PHE A 174 3.59 -9.29 -18.43
CA PHE A 174 2.54 -9.01 -19.40
C PHE A 174 2.16 -10.28 -20.13
N ILE A 175 3.16 -11.06 -20.53
CA ILE A 175 2.91 -12.29 -21.26
C ILE A 175 2.08 -13.29 -20.45
N GLU A 176 2.44 -13.48 -19.18
CA GLU A 176 1.69 -14.39 -18.32
C GLU A 176 0.26 -13.91 -18.11
N ALA A 177 0.10 -12.62 -17.85
CA ALA A 177 -1.22 -12.04 -17.66
C ALA A 177 -2.09 -12.22 -18.92
N ALA A 178 -1.53 -11.88 -20.07
CA ALA A 178 -2.24 -12.05 -21.34
C ALA A 178 -2.63 -13.51 -21.56
N ARG A 179 -1.70 -14.42 -21.28
CA ARG A 179 -1.95 -15.84 -21.44
C ARG A 179 -3.12 -16.34 -20.59
N SER A 180 -3.17 -15.87 -19.35
CA SER A 180 -4.22 -16.31 -18.42
C SER A 180 -5.60 -15.87 -18.91
N ALA A 181 -5.64 -14.76 -19.65
CA ALA A 181 -6.91 -14.24 -20.15
C ALA A 181 -7.26 -14.83 -21.52
N GLY A 182 -6.42 -15.74 -22.00
CA GLY A 182 -6.71 -16.45 -23.23
C GLY A 182 -5.99 -15.89 -24.45
N TYR A 183 -5.02 -15.01 -24.20
CA TYR A 183 -4.19 -14.49 -25.27
C TYR A 183 -2.82 -15.18 -25.20
N ALA A 184 -2.75 -16.35 -25.83
CA ALA A 184 -1.57 -17.22 -25.76
C ALA A 184 -0.37 -16.57 -26.42
N GLU A 185 0.82 -16.82 -25.89
CA GLU A 185 2.01 -16.19 -26.46
C GLU A 185 2.45 -16.90 -27.72
N ASP A 186 2.84 -16.10 -28.71
CA ASP A 186 3.45 -16.62 -29.91
C ASP A 186 4.89 -16.11 -29.89
N LYS A 187 5.81 -17.01 -29.57
CA LYS A 187 7.21 -16.64 -29.41
C LYS A 187 7.83 -16.18 -30.74
N ASP A 188 7.12 -16.41 -31.83
CA ASP A 188 7.52 -15.91 -33.14
C ASP A 188 6.98 -14.49 -33.36
N ASP A 189 5.97 -14.12 -32.58
CA ASP A 189 5.34 -12.82 -32.71
C ASP A 189 5.92 -11.83 -31.72
N ASP A 190 6.54 -10.78 -32.23
CA ASP A 190 7.07 -9.71 -31.40
C ASP A 190 6.00 -8.64 -31.18
N LEU A 191 4.75 -9.00 -31.46
CA LEU A 191 3.57 -8.14 -31.32
C LEU A 191 3.41 -7.12 -32.45
N SER A 192 4.31 -7.19 -33.43
CA SER A 192 4.23 -6.36 -34.62
C SER A 192 2.95 -6.66 -35.40
N SER A 193 2.40 -7.85 -35.19
CA SER A 193 1.15 -8.26 -35.83
C SER A 193 -0.01 -7.32 -35.48
N VAL A 194 0.13 -6.62 -34.36
CA VAL A 194 -0.93 -5.74 -33.87
C VAL A 194 -0.96 -4.41 -34.63
N PHE A 195 0.20 -3.99 -35.14
CA PHE A 195 0.36 -2.69 -35.78
C PHE A 195 -0.61 -2.52 -36.95
N LEU A 196 -1.26 -1.37 -37.00
CA LEU A 196 -2.08 -1.02 -38.16
C LEU A 196 -1.27 -0.16 -39.11
N LYS A 197 -1.43 -0.43 -40.40
CA LYS A 197 -0.83 0.42 -41.41
C LYS A 197 -1.46 1.81 -41.35
N LYS A 198 -0.67 2.84 -41.54
CA LYS A 198 -1.18 4.19 -41.57
C LYS A 198 -2.21 4.33 -42.69
N GLY A 199 -3.34 4.96 -42.38
CA GLY A 199 -4.41 5.12 -43.35
C GLY A 199 -5.29 3.90 -43.55
N SER A 200 -5.15 2.89 -42.70
CA SER A 200 -5.98 1.69 -42.84
C SER A 200 -7.42 1.94 -42.41
N TYR A 201 -7.64 3.05 -41.70
CA TYR A 201 -8.99 3.52 -41.43
C TYR A 201 -9.19 4.89 -42.08
N PHE A 202 -10.36 5.11 -42.64
CA PHE A 202 -10.74 6.41 -43.21
C PHE A 202 -10.81 7.50 -42.13
N ALA A 203 -11.36 7.15 -40.97
CA ALA A 203 -11.42 8.04 -39.82
C ALA A 203 -11.65 7.18 -38.60
N PHE A 204 -11.33 7.73 -37.43
CA PHE A 204 -11.64 7.12 -36.14
C PHE A 204 -12.40 8.10 -35.25
N LEU A 205 -13.53 7.66 -34.69
CA LEU A 205 -14.35 8.50 -33.81
C LEU A 205 -14.47 7.85 -32.45
N GLU A 206 -14.40 8.64 -31.38
CA GLU A 206 -14.66 8.11 -30.04
C GLU A 206 -15.74 8.93 -29.33
N LEU A 207 -16.81 8.26 -28.91
CA LEU A 207 -17.84 8.86 -28.07
C LEU A 207 -17.41 8.69 -26.61
N HIS A 208 -17.48 9.75 -25.80
CA HIS A 208 -16.97 9.67 -24.43
C HIS A 208 -17.66 10.71 -23.54
N ILE A 209 -17.87 10.38 -22.27
CA ILE A 209 -18.33 11.43 -21.35
C ILE A 209 -17.28 12.53 -21.26
N GLU A 210 -17.75 13.76 -21.06
CA GLU A 210 -16.83 14.90 -21.05
C GLU A 210 -15.73 14.79 -19.98
N GLN A 211 -16.08 14.26 -18.80
CA GLN A 211 -15.18 14.27 -17.63
C GLN A 211 -14.84 15.70 -17.23
N GLY A 212 -15.81 16.60 -17.44
CA GLY A 212 -15.72 17.98 -16.99
C GLY A 212 -17.15 18.51 -16.93
N PRO A 213 -17.32 19.72 -16.39
CA PRO A 213 -18.66 20.25 -16.13
C PRO A 213 -19.14 21.23 -17.20
N ILE A 214 -18.37 21.44 -18.25
CA ILE A 214 -18.65 22.53 -19.19
C ILE A 214 -19.98 22.39 -19.94
N LEU A 215 -20.22 21.22 -20.53
CA LEU A 215 -21.46 21.04 -21.28
C LEU A 215 -22.66 21.15 -20.36
N GLU A 216 -22.56 20.54 -19.18
CA GLU A 216 -23.65 20.64 -18.22
C GLU A 216 -23.89 22.09 -17.80
N ASP A 217 -22.82 22.81 -17.44
CA ASP A 217 -22.96 24.19 -16.95
C ASP A 217 -23.55 25.11 -18.01
N GLU A 218 -23.18 24.87 -19.27
CA GLU A 218 -23.62 25.76 -20.37
C GLU A 218 -24.95 25.33 -20.99
N GLY A 219 -25.49 24.21 -20.53
CA GLY A 219 -26.75 23.70 -21.05
C GLY A 219 -26.67 23.13 -22.45
N LEU A 220 -25.53 22.56 -22.81
CA LEU A 220 -25.29 22.10 -24.17
C LEU A 220 -25.32 20.58 -24.25
N ASP A 221 -25.65 20.06 -25.43
CA ASP A 221 -25.81 18.61 -25.61
C ASP A 221 -24.55 17.86 -25.98
N ILE A 222 -23.69 18.49 -26.77
CA ILE A 222 -22.59 17.80 -27.43
C ILE A 222 -21.33 18.65 -27.45
N GLY A 223 -20.20 18.03 -27.09
CA GLY A 223 -18.92 18.67 -27.29
C GLY A 223 -18.21 18.09 -28.50
N VAL A 224 -17.78 18.97 -29.41
CA VAL A 224 -17.00 18.52 -30.55
C VAL A 224 -15.54 18.76 -30.20
N VAL A 225 -14.80 17.67 -29.99
CA VAL A 225 -13.46 17.78 -29.42
C VAL A 225 -12.44 18.15 -30.50
N THR A 226 -11.65 19.18 -30.23
CA THR A 226 -10.71 19.68 -31.24
C THR A 226 -9.25 19.29 -30.98
N ALA A 227 -8.94 18.91 -29.75
CA ALA A 227 -7.58 18.55 -29.38
C ALA A 227 -7.61 17.79 -28.07
N ILE A 228 -6.54 17.06 -27.81
CA ILE A 228 -6.38 16.30 -26.58
C ILE A 228 -5.08 16.76 -25.92
N ALA A 229 -5.13 17.09 -24.62
CA ALA A 229 -3.97 17.57 -23.89
C ALA A 229 -2.83 16.54 -23.83
N ALA A 230 -1.63 17.05 -23.60
CA ALA A 230 -0.40 16.25 -23.64
C ALA A 230 -0.11 15.59 -22.29
N PRO A 231 -0.17 14.25 -22.25
CA PRO A 231 -0.02 13.56 -20.96
C PRO A 231 1.38 13.00 -20.71
N ALA A 232 1.79 13.01 -19.45
CA ALA A 232 3.03 12.35 -19.05
C ALA A 232 2.87 11.66 -17.71
N SER A 233 3.72 10.66 -17.48
CA SER A 233 3.74 10.03 -16.16
C SER A 233 5.16 9.64 -15.76
N LEU A 234 5.42 9.69 -14.47
CA LEU A 234 6.74 9.44 -13.91
C LEU A 234 6.64 8.41 -12.79
N LYS A 235 7.66 7.57 -12.67
CA LYS A 235 7.83 6.70 -11.51
C LYS A 235 9.10 7.11 -10.79
N VAL A 236 9.02 7.30 -9.47
CA VAL A 236 10.15 7.74 -8.69
C VAL A 236 10.29 6.86 -7.45
N GLU A 237 11.52 6.47 -7.16
CA GLU A 237 11.80 5.76 -5.91
C GLU A 237 12.97 6.37 -5.17
N PHE A 238 12.83 6.44 -3.85
CA PHE A 238 13.90 6.86 -2.96
C PHE A 238 14.29 5.69 -2.06
N GLU A 239 15.58 5.55 -1.76
CA GLU A 239 16.03 4.51 -0.84
C GLU A 239 16.85 5.08 0.32
N GLY A 240 16.56 4.62 1.53
CA GLY A 240 17.31 4.99 2.72
C GLY A 240 17.66 3.75 3.53
N ASN A 241 18.21 3.95 4.72
CA ASN A 241 18.69 2.82 5.52
C ASN A 241 17.61 2.11 6.32
N GLY A 242 16.50 2.79 6.58
CA GLY A 242 15.45 2.23 7.39
C GLY A 242 15.92 1.88 8.80
N GLY A 243 15.17 1.01 9.47
CA GLY A 243 15.53 0.64 10.81
C GLY A 243 14.44 0.94 11.83
N HIS A 244 14.83 0.95 13.09
CA HIS A 244 13.88 0.93 14.18
C HIS A 244 13.32 2.33 14.51
N ALA A 245 11.99 2.46 14.42
CA ALA A 245 11.36 3.76 14.63
C ALA A 245 11.58 4.33 16.03
N GLY A 246 11.77 3.45 17.02
CA GLY A 246 11.94 3.89 18.39
C GLY A 246 13.39 4.21 18.74
N ALA A 247 14.32 3.56 18.05
CA ALA A 247 15.72 3.59 18.49
C ALA A 247 16.65 4.43 17.62
N VAL A 248 16.34 4.61 16.34
CA VAL A 248 17.21 5.44 15.50
C VAL A 248 16.90 6.91 15.76
N LEU A 249 17.87 7.64 16.31
CA LEU A 249 17.63 9.03 16.66
C LEU A 249 17.53 9.89 15.40
N MET A 250 16.78 10.97 15.48
CA MET A 250 16.47 11.78 14.30
C MET A 250 17.67 12.23 13.45
N PRO A 251 18.77 12.70 14.07
CA PRO A 251 19.90 13.14 13.23
C PRO A 251 20.56 12.06 12.38
N TYR A 252 20.27 10.79 12.65
CA TYR A 252 20.92 9.71 11.94
C TYR A 252 20.06 9.08 10.86
N ARG A 253 18.88 9.65 10.64
CA ARG A 253 17.91 9.12 9.68
C ARG A 253 18.11 9.61 8.26
N ASN A 254 17.58 8.84 7.32
CA ASN A 254 17.43 9.25 5.94
C ASN A 254 16.11 8.65 5.44
N ASP A 255 15.03 9.28 5.91
CA ASP A 255 13.68 8.73 5.84
C ASP A 255 13.11 8.87 4.42
N ALA A 256 12.93 7.74 3.74
CA ALA A 256 12.47 7.76 2.35
C ALA A 256 11.02 8.25 2.24
N GLY A 257 10.27 8.10 3.31
CA GLY A 257 8.88 8.56 3.31
C GLY A 257 8.82 10.07 3.30
N LEU A 258 9.70 10.71 4.05
CA LEU A 258 9.73 12.17 4.08
C LEU A 258 10.25 12.74 2.76
N ALA A 259 11.19 12.05 2.12
CA ALA A 259 11.60 12.44 0.76
C ALA A 259 10.42 12.40 -0.18
N ALA A 260 9.60 11.36 -0.07
CA ALA A 260 8.43 11.22 -0.93
C ALA A 260 7.41 12.31 -0.67
N ALA A 261 7.20 12.62 0.62
CA ALA A 261 6.26 13.69 0.99
C ALA A 261 6.70 15.03 0.40
N GLU A 262 7.99 15.30 0.49
CA GLU A 262 8.54 16.54 -0.05
C GLU A 262 8.41 16.58 -1.57
N LEU A 263 8.61 15.44 -2.24
CA LEU A 263 8.48 15.43 -3.69
C LEU A 263 7.04 15.66 -4.11
N ALA A 264 6.09 15.06 -3.40
CA ALA A 264 4.68 15.26 -3.75
C ALA A 264 4.30 16.72 -3.65
N LEU A 265 4.78 17.40 -2.61
CA LEU A 265 4.51 18.83 -2.44
C LEU A 265 5.23 19.66 -3.51
N ALA A 266 6.39 19.19 -3.95
CA ALA A 266 7.10 19.89 -5.04
C ALA A 266 6.36 19.78 -6.36
N VAL A 267 5.76 18.63 -6.63
CA VAL A 267 4.94 18.46 -7.83
C VAL A 267 3.86 19.53 -7.87
N GLU A 268 3.12 19.67 -6.78
CA GLU A 268 2.08 20.70 -6.70
C GLU A 268 2.65 22.10 -6.94
N LYS A 269 3.76 22.40 -6.29
CA LYS A 269 4.43 23.70 -6.45
C LYS A 269 4.77 24.00 -7.91
N HIS A 270 5.40 23.04 -8.59
CA HIS A 270 5.84 23.28 -9.96
C HIS A 270 4.67 23.44 -10.92
N VAL A 271 3.60 22.69 -10.68
CA VAL A 271 2.38 22.85 -11.47
C VAL A 271 1.86 24.28 -11.33
N LEU A 272 1.73 24.76 -10.09
CA LEU A 272 1.23 26.11 -9.82
C LEU A 272 2.16 27.19 -10.39
N GLU A 273 3.45 26.89 -10.49
CA GLU A 273 4.42 27.83 -11.06
C GLU A 273 4.21 28.09 -12.56
N SER A 274 3.43 27.25 -13.23
CA SER A 274 3.23 27.42 -14.67
C SER A 274 2.42 28.68 -14.96
N GLU A 275 1.64 29.11 -13.96
CA GLU A 275 0.75 30.26 -14.07
C GLU A 275 -0.40 30.05 -15.07
N SER A 276 -0.59 28.81 -15.49
CA SER A 276 -1.74 28.46 -16.34
C SER A 276 -2.67 27.50 -15.62
N ILE A 277 -3.96 27.79 -15.67
CA ILE A 277 -4.97 26.92 -15.08
C ILE A 277 -5.08 25.58 -15.82
N ASP A 278 -4.50 25.50 -17.02
CA ASP A 278 -4.58 24.26 -17.80
C ASP A 278 -3.55 23.21 -17.38
N THR A 279 -2.64 23.58 -16.50
CA THR A 279 -1.60 22.65 -16.06
C THR A 279 -2.10 21.84 -14.86
N VAL A 280 -1.92 20.53 -14.90
CA VAL A 280 -2.25 19.69 -13.75
C VAL A 280 -1.11 18.74 -13.40
N GLY A 281 -1.05 18.34 -12.13
CA GLY A 281 -0.11 17.33 -11.71
C GLY A 281 -0.61 16.69 -10.43
N THR A 282 -0.35 15.40 -10.27
CA THR A 282 -0.95 14.63 -9.19
C THR A 282 0.01 13.53 -8.77
N VAL A 283 0.05 13.27 -7.46
CA VAL A 283 0.64 12.03 -6.96
C VAL A 283 -0.49 11.13 -6.48
N GLY A 284 -0.89 10.18 -7.32
CA GLY A 284 -1.99 9.29 -7.00
C GLY A 284 -1.53 8.04 -6.28
N ILE A 285 -0.24 7.72 -6.41
CA ILE A 285 0.34 6.55 -5.75
C ILE A 285 1.57 6.98 -4.94
N LEU A 286 1.58 6.59 -3.67
CA LEU A 286 2.72 6.84 -2.80
C LEU A 286 2.75 5.66 -1.85
N GLU A 287 3.75 4.80 -2.01
CA GLU A 287 3.85 3.58 -1.22
C GLU A 287 5.12 3.54 -0.41
N LEU A 288 5.00 3.13 0.83
CA LEU A 288 6.15 2.99 1.73
C LEU A 288 6.50 1.53 1.97
N HIS A 289 7.80 1.26 2.05
CA HIS A 289 8.31 -0.06 2.41
C HIS A 289 9.25 0.12 3.60
N PRO A 290 9.13 -0.75 4.61
CA PRO A 290 8.29 -1.96 4.66
C PRO A 290 6.81 -1.73 4.99
N GLY A 291 6.44 -0.50 5.36
CA GLY A 291 5.05 -0.22 5.67
C GLY A 291 4.60 -0.79 7.00
N ALA A 292 5.42 -0.58 8.02
CA ALA A 292 5.05 -0.97 9.37
C ALA A 292 5.16 0.26 10.26
N ILE A 293 4.30 0.35 11.26
CA ILE A 293 4.20 1.57 12.07
C ILE A 293 5.52 1.87 12.79
N ASN A 294 6.26 0.82 13.14
CA ASN A 294 7.49 0.97 13.93
C ASN A 294 8.77 0.68 13.15
N SER A 295 8.68 0.84 11.83
CA SER A 295 9.80 0.66 10.93
C SER A 295 9.96 1.90 10.05
N ILE A 296 11.13 2.54 10.10
CA ILE A 296 11.34 3.76 9.31
C ILE A 296 11.39 3.38 7.84
N PRO A 297 10.61 4.05 6.98
CA PRO A 297 10.62 3.62 5.58
C PRO A 297 12.00 3.64 4.94
N SER A 298 12.40 2.52 4.35
CA SER A 298 13.69 2.40 3.66
C SER A 298 13.52 2.55 2.15
N LYS A 299 12.29 2.45 1.67
CA LYS A 299 12.00 2.68 0.26
C LYS A 299 10.66 3.40 0.15
N SER A 300 10.58 4.36 -0.76
CA SER A 300 9.31 4.96 -1.10
C SER A 300 9.17 4.95 -2.62
N HIS A 301 7.93 4.89 -3.08
CA HIS A 301 7.60 4.71 -4.48
C HIS A 301 6.46 5.66 -4.80
N LEU A 302 6.71 6.59 -5.72
CA LEU A 302 5.68 7.54 -6.16
C LEU A 302 5.39 7.34 -7.62
N GLU A 303 4.12 7.51 -8.00
CA GLU A 303 3.77 7.58 -9.41
C GLU A 303 3.04 8.90 -9.62
N ILE A 304 3.54 9.66 -10.58
CA ILE A 304 3.17 11.05 -10.77
C ILE A 304 2.58 11.23 -12.16
N ASP A 305 1.42 11.91 -12.23
CA ASP A 305 0.73 12.18 -13.48
C ASP A 305 0.84 13.69 -13.69
N THR A 306 1.23 14.12 -14.89
CA THR A 306 1.23 15.57 -15.15
C THR A 306 0.90 15.85 -16.61
N ARG A 307 0.10 16.89 -16.84
CA ARG A 307 -0.40 17.18 -18.19
C ARG A 307 -0.58 18.67 -18.41
N ASP A 308 -0.64 19.05 -19.68
CA ASP A 308 -1.01 20.42 -20.07
C ASP A 308 -1.43 20.35 -21.53
N ILE A 309 -2.29 21.27 -21.96
CA ILE A 309 -2.61 21.38 -23.38
C ILE A 309 -1.37 21.89 -24.13
N ASP A 310 -0.55 22.67 -23.42
CA ASP A 310 0.72 23.16 -23.97
C ASP A 310 1.87 22.23 -23.61
N GLU A 311 2.45 21.61 -24.63
CA GLU A 311 3.50 20.60 -24.44
C GLU A 311 4.74 21.15 -23.76
N ALA A 312 5.20 22.33 -24.20
CA ALA A 312 6.38 22.94 -23.60
C ALA A 312 6.20 23.26 -22.11
N ARG A 313 5.03 23.77 -21.74
CA ARG A 313 4.73 24.08 -20.35
C ARG A 313 4.75 22.80 -19.51
N ARG A 314 4.14 21.74 -20.06
CA ARG A 314 4.14 20.41 -19.44
C ARG A 314 5.57 19.93 -19.20
N ASN A 315 6.40 20.00 -20.23
CA ASN A 315 7.79 19.56 -20.14
C ASN A 315 8.59 20.32 -19.10
N THR A 316 8.34 21.62 -18.96
CA THR A 316 8.99 22.43 -17.93
C THR A 316 8.65 21.88 -16.54
N VAL A 317 7.41 21.46 -16.35
CA VAL A 317 7.02 20.87 -15.06
C VAL A 317 7.81 19.60 -14.81
N ILE A 318 7.92 18.74 -15.81
CA ILE A 318 8.70 17.49 -15.68
C ILE A 318 10.17 17.77 -15.33
N LYS A 319 10.79 18.72 -16.02
CA LYS A 319 12.18 19.08 -15.71
C LYS A 319 12.34 19.55 -14.27
N LYS A 320 11.41 20.38 -13.81
CA LYS A 320 11.46 20.89 -12.43
C LYS A 320 11.27 19.76 -11.43
N ILE A 321 10.40 18.81 -11.75
CA ILE A 321 10.19 17.67 -10.85
C ILE A 321 11.48 16.85 -10.72
N GLN A 322 12.18 16.63 -11.83
CA GLN A 322 13.44 15.89 -11.78
C GLN A 322 14.49 16.63 -10.98
N GLU A 323 14.57 17.95 -11.17
CA GLU A 323 15.48 18.78 -10.36
C GLU A 323 15.15 18.67 -8.88
N SER A 324 13.88 18.78 -8.53
CA SER A 324 13.47 18.66 -7.13
C SER A 324 13.76 17.29 -6.53
N ALA A 325 13.55 16.23 -7.32
CA ALA A 325 13.83 14.89 -6.83
C ALA A 325 15.30 14.76 -6.45
N ASN A 326 16.17 15.34 -7.25
CA ASN A 326 17.59 15.32 -6.95
C ASN A 326 17.98 16.18 -5.75
N THR A 327 17.39 17.36 -5.65
CA THR A 327 17.64 18.24 -4.52
C THR A 327 17.17 17.60 -3.21
N ILE A 328 15.97 17.03 -3.23
CA ILE A 328 15.43 16.34 -2.06
C ILE A 328 16.28 15.14 -1.68
N ALA A 329 16.70 14.35 -2.66
CA ALA A 329 17.54 13.18 -2.37
C ALA A 329 18.83 13.59 -1.66
N LYS A 330 19.47 14.64 -2.15
CA LYS A 330 20.71 15.13 -1.55
C LYS A 330 20.48 15.65 -0.13
N LYS A 331 19.41 16.42 0.08
CA LYS A 331 19.13 17.00 1.38
C LYS A 331 18.75 15.94 2.41
N ARG A 332 17.95 14.96 1.99
CA ARG A 332 17.51 13.89 2.87
C ARG A 332 18.58 12.81 3.04
N LYS A 333 19.61 12.86 2.21
CA LYS A 333 20.68 11.86 2.22
C LYS A 333 20.17 10.47 1.86
N VAL A 334 19.20 10.45 0.96
CA VAL A 334 18.70 9.20 0.39
C VAL A 334 19.17 9.06 -1.05
N LYS A 335 19.12 7.84 -1.56
CA LYS A 335 19.42 7.59 -2.95
C LYS A 335 18.17 7.81 -3.80
N LEU A 336 18.31 8.57 -4.88
CA LEU A 336 17.26 8.60 -5.89
C LEU A 336 17.50 7.37 -6.74
N SER A 337 16.85 6.27 -6.35
CA SER A 337 17.13 4.97 -6.96
C SER A 337 16.40 4.73 -8.27
N GLU A 338 15.31 5.47 -8.49
CA GLU A 338 14.63 5.41 -9.77
C GLU A 338 14.01 6.76 -10.09
N PHE A 339 14.25 7.25 -11.30
CA PHE A 339 13.49 8.35 -11.85
C PHE A 339 13.21 8.01 -13.30
N LYS A 340 12.00 7.53 -13.57
CA LYS A 340 11.67 7.01 -14.88
C LYS A 340 10.51 7.80 -15.45
N ILE A 341 10.73 8.43 -16.61
CA ILE A 341 9.64 9.02 -17.35
C ILE A 341 9.00 7.89 -18.14
N VAL A 342 7.85 7.42 -17.67
CA VAL A 342 7.21 6.24 -18.23
C VAL A 342 6.63 6.58 -19.59
N ASN A 343 6.03 7.76 -19.69
CA ASN A 343 5.59 8.29 -20.98
C ASN A 343 5.58 9.79 -20.95
N GLN A 344 5.79 10.39 -22.12
CA GLN A 344 5.80 11.84 -22.24
C GLN A 344 5.32 12.10 -23.66
N ASP A 345 4.01 12.22 -23.82
CA ASP A 345 3.40 12.20 -25.13
C ASP A 345 2.97 13.58 -25.56
N PRO A 346 2.98 13.86 -26.88
CA PRO A 346 2.51 15.13 -27.39
C PRO A 346 0.99 15.21 -27.39
N PRO A 347 0.44 16.42 -27.48
CA PRO A 347 -1.01 16.54 -27.67
C PRO A 347 -1.38 16.12 -29.09
N ALA A 348 -2.66 15.88 -29.35
CA ALA A 348 -3.10 15.65 -30.72
C ALA A 348 -4.23 16.59 -31.10
N LEU A 349 -4.30 16.89 -32.40
CA LEU A 349 -5.40 17.69 -32.94
C LEU A 349 -6.39 16.78 -33.67
N SER A 350 -7.68 17.03 -33.47
CA SER A 350 -8.68 16.32 -34.26
C SER A 350 -8.66 16.77 -35.71
N ASP A 351 -9.03 15.87 -36.60
CA ASP A 351 -9.06 16.16 -38.04
C ASP A 351 -10.17 17.16 -38.34
N LYS A 352 -9.86 18.14 -39.17
CA LYS A 352 -10.79 19.25 -39.41
C LYS A 352 -12.06 18.82 -40.17
N LEU A 353 -11.95 17.84 -41.05
CA LEU A 353 -13.14 17.36 -41.76
C LEU A 353 -13.98 16.45 -40.87
N VAL A 354 -13.34 15.78 -39.91
CA VAL A 354 -14.10 14.98 -38.95
C VAL A 354 -14.90 15.88 -38.03
N ILE A 355 -14.27 16.93 -37.54
CA ILE A 355 -14.93 17.96 -36.76
C ILE A 355 -16.13 18.52 -37.50
N LYS A 356 -15.92 18.83 -38.78
CA LYS A 356 -16.96 19.38 -39.62
C LYS A 356 -18.18 18.46 -39.67
N LYS A 357 -17.95 17.18 -39.91
CA LYS A 357 -19.03 16.20 -40.03
C LYS A 357 -19.78 16.05 -38.70
N MET A 358 -19.03 16.02 -37.61
CA MET A 358 -19.64 15.90 -36.29
C MET A 358 -20.54 17.10 -35.94
N ALA A 359 -20.05 18.30 -36.23
CA ALA A 359 -20.83 19.51 -35.99
C ALA A 359 -22.09 19.54 -36.86
N GLU A 360 -21.95 19.12 -38.11
CA GLU A 360 -23.08 19.02 -39.03
C GLU A 360 -24.11 18.01 -38.51
N ALA A 361 -23.64 16.87 -38.04
CA ALA A 361 -24.53 15.85 -37.51
C ALA A 361 -25.33 16.37 -36.31
N ALA A 362 -24.63 17.01 -35.36
CA ALA A 362 -25.31 17.59 -34.20
C ALA A 362 -26.36 18.62 -34.62
N THR A 363 -26.01 19.49 -35.56
CA THR A 363 -26.96 20.48 -36.08
C THR A 363 -28.18 19.83 -36.74
N GLU A 364 -27.95 18.80 -37.56
CA GLU A 364 -29.06 18.11 -38.21
C GLU A 364 -29.99 17.42 -37.22
N LEU A 365 -29.47 17.09 -36.05
CA LEU A 365 -30.25 16.42 -35.01
C LEU A 365 -30.85 17.41 -34.02
N ASN A 366 -30.69 18.70 -34.31
CA ASN A 366 -31.20 19.77 -33.46
C ASN A 366 -30.59 19.72 -32.06
N LEU A 367 -29.32 19.35 -32.00
CA LEU A 367 -28.59 19.28 -30.74
C LEU A 367 -27.61 20.44 -30.65
N SER A 368 -27.57 21.08 -29.48
CA SER A 368 -26.64 22.18 -29.28
C SER A 368 -25.23 21.64 -29.05
N HIS A 369 -24.22 22.40 -29.43
CA HIS A 369 -22.85 21.91 -29.34
C HIS A 369 -21.85 23.05 -29.27
N LYS A 370 -20.65 22.73 -28.78
CA LYS A 370 -19.54 23.68 -28.82
C LYS A 370 -18.25 22.94 -29.08
N MET A 371 -17.25 23.67 -29.53
CA MET A 371 -15.91 23.14 -29.71
C MET A 371 -15.19 23.17 -28.37
N MET A 372 -14.47 22.10 -28.06
CA MET A 372 -13.74 22.08 -26.80
C MET A 372 -12.59 21.10 -26.85
N ILE A 373 -11.71 21.17 -25.85
CA ILE A 373 -10.57 20.25 -25.80
C ILE A 373 -10.81 19.17 -24.76
N SER A 374 -10.09 18.06 -24.91
CA SER A 374 -10.10 17.03 -23.88
C SER A 374 -8.91 17.22 -22.95
N ARG A 375 -9.18 17.19 -21.65
CA ARG A 375 -8.13 17.26 -20.63
C ARG A 375 -7.62 15.84 -20.33
N ALA A 376 -8.56 14.91 -20.21
CA ALA A 376 -8.23 13.50 -20.14
C ALA A 376 -7.54 13.06 -21.42
N TYR A 377 -6.75 12.00 -21.36
CA TYR A 377 -6.31 11.35 -22.60
C TYR A 377 -7.26 10.20 -22.92
N HIS A 378 -7.13 9.67 -24.13
CA HIS A 378 -8.03 8.65 -24.64
C HIS A 378 -7.30 7.85 -25.69
N ASP A 379 -7.86 6.71 -26.07
CA ASP A 379 -7.33 5.97 -27.23
C ASP A 379 -7.27 6.81 -28.50
N SER A 380 -8.17 7.79 -28.62
CA SER A 380 -8.16 8.73 -29.74
C SER A 380 -6.80 9.43 -29.89
N LEU A 381 -6.09 9.62 -28.79
CA LEU A 381 -4.80 10.31 -28.83
C LEU A 381 -3.82 9.56 -29.73
N PHE A 382 -3.86 8.23 -29.66
CA PHE A 382 -2.95 7.40 -30.45
C PHE A 382 -3.51 6.97 -31.80
N MET A 383 -4.83 6.79 -31.87
CA MET A 383 -5.48 6.52 -33.14
C MET A 383 -5.24 7.66 -34.13
N ALA A 384 -5.06 8.87 -33.62
CA ALA A 384 -4.77 10.05 -34.44
C ALA A 384 -3.47 9.90 -35.23
N ARG A 385 -2.60 9.00 -34.79
CA ARG A 385 -1.35 8.75 -35.51
C ARG A 385 -1.56 7.86 -36.74
N ILE A 386 -2.71 7.20 -36.80
CA ILE A 386 -3.04 6.18 -37.80
C ILE A 386 -4.06 6.71 -38.80
N SER A 387 -4.96 7.56 -38.32
CA SER A 387 -6.03 8.05 -39.17
C SER A 387 -6.61 9.36 -38.64
N PRO A 388 -7.33 10.10 -39.49
CA PRO A 388 -8.08 11.27 -39.04
C PRO A 388 -8.93 10.90 -37.82
N MET A 389 -8.92 11.74 -36.79
CA MET A 389 -9.58 11.42 -35.54
C MET A 389 -10.55 12.52 -35.12
N GLY A 390 -11.59 12.13 -34.39
CA GLY A 390 -12.40 13.10 -33.69
C GLY A 390 -13.05 12.45 -32.49
N MET A 391 -13.56 13.27 -31.57
CA MET A 391 -14.29 12.77 -30.41
C MET A 391 -15.59 13.53 -30.23
N ILE A 392 -16.61 12.81 -29.80
CA ILE A 392 -17.88 13.39 -29.40
C ILE A 392 -17.97 13.30 -27.86
N PHE A 393 -18.05 14.43 -27.19
CA PHE A 393 -18.31 14.47 -25.74
C PHE A 393 -19.80 14.61 -25.46
N ILE A 394 -20.26 13.91 -24.42
CA ILE A 394 -21.58 14.14 -23.85
C ILE A 394 -21.43 14.68 -22.43
N PRO A 395 -22.47 15.35 -21.91
CA PRO A 395 -22.35 15.90 -20.55
C PRO A 395 -22.23 14.83 -19.49
N CYS A 396 -21.66 15.20 -18.37
CA CYS A 396 -21.72 14.33 -17.20
C CYS A 396 -21.89 15.18 -15.96
N TYR A 397 -22.53 14.57 -14.97
CA TYR A 397 -22.96 15.25 -13.76
C TYR A 397 -21.78 15.85 -13.02
N LYS A 398 -21.79 17.18 -12.91
CA LYS A 398 -20.75 17.93 -12.19
C LYS A 398 -19.32 17.68 -12.68
N GLY A 399 -19.21 17.07 -13.86
CA GLY A 399 -17.91 16.69 -14.39
C GLY A 399 -17.24 15.51 -13.72
N TYR A 400 -17.91 14.89 -12.75
CA TYR A 400 -17.27 13.85 -11.94
C TYR A 400 -16.81 12.68 -12.80
N SER A 401 -15.59 12.21 -12.54
CA SER A 401 -15.12 10.99 -13.19
C SER A 401 -14.04 10.35 -12.33
N HIS A 402 -13.74 9.08 -12.59
CA HIS A 402 -12.80 8.29 -11.78
C HIS A 402 -13.24 8.17 -10.33
N LYS A 403 -14.56 8.15 -10.15
CA LYS A 403 -15.17 7.97 -8.82
C LYS A 403 -16.62 7.56 -9.06
N PRO A 404 -17.25 6.92 -8.05
CA PRO A 404 -18.58 6.33 -8.28
C PRO A 404 -19.70 7.35 -8.49
N GLU A 405 -19.45 8.61 -8.20
CA GLU A 405 -20.42 9.69 -8.44
C GLU A 405 -20.57 10.04 -9.93
N GLU A 406 -19.67 9.51 -10.76
CA GLU A 406 -19.74 9.69 -12.21
C GLU A 406 -21.13 9.32 -12.73
N TYR A 407 -21.71 10.18 -13.57
CA TYR A 407 -23.05 9.92 -14.11
C TYR A 407 -23.28 10.67 -15.40
N SER A 408 -23.85 9.98 -16.39
CA SER A 408 -24.40 10.61 -17.57
C SER A 408 -25.81 10.05 -17.75
N SER A 409 -26.77 10.90 -18.11
CA SER A 409 -28.18 10.45 -18.17
C SER A 409 -28.44 9.60 -19.40
N PRO A 410 -29.52 8.81 -19.38
CA PRO A 410 -29.92 8.06 -20.58
C PRO A 410 -30.10 8.97 -21.78
N GLU A 411 -30.65 10.17 -21.59
CA GLU A 411 -30.81 11.10 -22.71
C GLU A 411 -29.47 11.59 -23.23
N ASP A 412 -28.57 11.94 -22.32
CA ASP A 412 -27.25 12.39 -22.75
C ASP A 412 -26.53 11.34 -23.57
N MET A 413 -26.61 10.09 -23.13
CA MET A 413 -26.00 8.99 -23.88
C MET A 413 -26.68 8.80 -25.23
N ALA A 414 -28.01 8.80 -25.24
CA ALA A 414 -28.75 8.60 -26.50
C ALA A 414 -28.40 9.69 -27.51
N ASN A 415 -28.28 10.95 -27.05
CA ASN A 415 -27.91 12.02 -27.98
C ASN A 415 -26.51 11.83 -28.57
N GLY A 416 -25.57 11.41 -27.72
CA GLY A 416 -24.24 11.07 -28.17
C GLY A 416 -24.27 9.93 -29.18
N VAL A 417 -25.07 8.90 -28.90
CA VAL A 417 -25.22 7.79 -29.83
C VAL A 417 -25.79 8.23 -31.17
N LYS A 418 -26.77 9.13 -31.15
CA LYS A 418 -27.33 9.63 -32.40
C LYS A 418 -26.30 10.39 -33.21
N VAL A 419 -25.53 11.26 -32.57
CA VAL A 419 -24.47 11.97 -33.27
C VAL A 419 -23.44 11.01 -33.83
N LEU A 420 -23.08 10.00 -33.04
CA LEU A 420 -22.15 8.97 -33.52
C LEU A 420 -22.69 8.22 -34.73
N SER A 421 -23.94 7.78 -34.65
CA SER A 421 -24.59 7.09 -35.76
C SER A 421 -24.56 7.91 -37.04
N LEU A 422 -24.96 9.18 -36.92
CA LEU A 422 -25.10 10.03 -38.10
C LEU A 422 -23.73 10.41 -38.65
N THR A 423 -22.75 10.63 -37.78
CA THR A 423 -21.41 10.95 -38.23
C THR A 423 -20.76 9.73 -38.93
N LEU A 424 -20.95 8.53 -38.37
CA LEU A 424 -20.47 7.30 -39.01
C LEU A 424 -21.08 7.16 -40.40
N ALA A 425 -22.37 7.41 -40.49
CA ALA A 425 -23.11 7.27 -41.75
C ALA A 425 -22.56 8.24 -42.78
N LYS A 426 -22.40 9.49 -42.38
CA LYS A 426 -21.89 10.52 -43.30
C LYS A 426 -20.49 10.16 -43.80
N LEU A 427 -19.62 9.74 -42.89
CA LEU A 427 -18.26 9.37 -43.28
C LEU A 427 -18.24 8.13 -44.15
N SER A 428 -19.12 7.17 -43.88
CA SER A 428 -19.18 5.94 -44.66
C SER A 428 -19.46 6.22 -46.13
N LEU A 429 -20.25 7.25 -46.41
CA LEU A 429 -20.64 7.58 -47.77
C LEU A 429 -19.70 8.56 -48.46
N ASP A 430 -18.74 9.11 -47.72
CA ASP A 430 -17.84 10.13 -48.26
C ASP A 430 -16.70 9.54 -49.08
N ASN B 8 33.51 -21.71 41.05
CA ASN B 8 32.17 -21.29 41.47
C ASN B 8 31.16 -21.38 40.32
N LEU B 9 29.92 -21.00 40.60
CA LEU B 9 28.85 -21.09 39.61
C LEU B 9 29.18 -20.28 38.36
N ALA B 10 29.58 -19.03 38.55
CA ALA B 10 29.87 -18.14 37.43
C ALA B 10 30.90 -18.73 36.47
N SER B 11 32.01 -19.24 37.02
CA SER B 11 33.07 -19.79 36.19
C SER B 11 32.66 -21.08 35.49
N SER B 12 31.64 -21.75 36.03
CA SER B 12 31.19 -23.02 35.47
C SER B 12 30.23 -22.87 34.29
N LEU B 13 29.64 -21.69 34.11
CA LEU B 13 28.62 -21.51 33.08
C LEU B 13 29.23 -21.62 31.68
N SER B 14 28.66 -22.49 30.85
CA SER B 14 29.12 -22.61 29.48
C SER B 14 27.92 -22.77 28.55
N VAL B 15 27.92 -21.96 27.49
CA VAL B 15 26.83 -21.89 26.54
C VAL B 15 27.22 -22.64 25.27
N ASP B 16 26.26 -23.31 24.64
CA ASP B 16 26.47 -23.85 23.31
C ASP B 16 26.21 -22.73 22.31
N ALA B 17 27.23 -21.91 22.05
CA ALA B 17 27.04 -20.75 21.18
C ALA B 17 26.65 -21.07 19.72
N PRO B 18 27.36 -22.01 19.07
CA PRO B 18 26.90 -22.38 17.71
C PRO B 18 25.54 -23.05 17.70
N GLY B 19 25.22 -23.79 18.75
CA GLY B 19 23.92 -24.44 18.85
C GLY B 19 22.79 -23.43 18.90
N LEU B 20 22.99 -22.39 19.71
CA LEU B 20 22.02 -21.31 19.80
C LEU B 20 21.85 -20.59 18.47
N GLN B 21 22.97 -20.34 17.80
CA GLN B 21 22.92 -19.72 16.47
C GLN B 21 22.13 -20.58 15.51
N ASN B 22 22.35 -21.88 15.56
CA ASN B 22 21.59 -22.80 14.71
CA ASN B 22 21.59 -22.81 14.71
C ASN B 22 20.09 -22.73 14.94
N GLN B 23 19.69 -22.59 16.20
CA GLN B 23 18.27 -22.44 16.52
C GLN B 23 17.70 -21.11 16.02
N ILE B 24 18.48 -20.03 16.12
CA ILE B 24 18.09 -18.75 15.58
C ILE B 24 17.84 -18.87 14.07
N ASP B 25 18.74 -19.55 13.38
CA ASP B 25 18.61 -19.73 11.94
C ASP B 25 17.41 -20.61 11.60
N GLU B 26 17.22 -21.70 12.32
CA GLU B 26 16.07 -22.56 12.07
C GLU B 26 14.74 -21.85 12.30
N LEU B 27 14.64 -21.07 13.37
CA LEU B 27 13.41 -20.35 13.63
C LEU B 27 13.14 -19.30 12.54
N SER B 28 14.20 -18.72 11.98
CA SER B 28 14.02 -17.70 10.96
C SER B 28 13.39 -18.25 9.68
N SER B 29 13.41 -19.58 9.53
CA SER B 29 12.80 -20.20 8.35
C SER B 29 11.28 -20.09 8.35
N PHE B 30 10.68 -19.84 9.51
CA PHE B 30 9.24 -19.71 9.60
C PHE B 30 8.86 -18.26 9.32
N SER B 31 8.76 -17.93 8.03
CA SER B 31 8.70 -16.54 7.60
C SER B 31 7.88 -16.37 6.33
N ASP B 32 7.13 -15.29 6.25
CA ASP B 32 6.41 -14.95 5.03
C ASP B 32 7.24 -14.07 4.09
N ALA B 33 8.43 -13.67 4.54
CA ALA B 33 9.37 -12.92 3.71
C ALA B 33 10.56 -13.82 3.40
N PRO B 34 11.13 -13.68 2.20
CA PRO B 34 12.30 -14.50 1.88
C PRO B 34 13.53 -14.11 2.67
N SER B 35 14.31 -15.10 3.09
CA SER B 35 15.57 -14.87 3.78
C SER B 35 16.42 -13.94 2.92
N PRO B 36 17.18 -13.02 3.53
CA PRO B 36 17.48 -12.86 4.97
C PRO B 36 16.44 -12.11 5.80
N SER B 37 15.35 -11.64 5.20
CA SER B 37 14.31 -10.98 5.97
C SER B 37 13.40 -11.96 6.67
N VAL B 38 12.76 -11.51 7.75
CA VAL B 38 11.74 -12.28 8.42
C VAL B 38 10.45 -11.46 8.48
N THR B 39 9.33 -12.13 8.19
CA THR B 39 8.02 -11.62 8.56
C THR B 39 7.27 -12.75 9.25
N ARG B 40 6.84 -12.52 10.48
CA ARG B 40 6.08 -13.53 11.20
C ARG B 40 5.05 -12.90 12.11
N VAL B 41 3.79 -12.98 11.70
CA VAL B 41 2.71 -12.23 12.33
C VAL B 41 1.86 -13.14 13.21
N LEU B 42 1.47 -12.60 14.36
CA LEU B 42 0.59 -13.24 15.32
C LEU B 42 -0.52 -14.08 14.70
N TYR B 43 -0.59 -15.34 15.12
CA TYR B 43 -1.66 -16.31 14.77
C TYR B 43 -1.66 -16.81 13.33
N THR B 44 -0.72 -16.36 12.50
CA THR B 44 -0.61 -16.92 11.15
C THR B 44 0.02 -18.30 11.20
N ASP B 45 0.01 -18.99 10.06
CA ASP B 45 0.61 -20.32 9.98
C ASP B 45 2.08 -20.33 10.41
N LYS B 46 2.83 -19.28 10.03
CA LYS B 46 4.24 -19.22 10.37
C LYS B 46 4.43 -19.07 11.88
N ASP B 47 3.56 -18.30 12.51
CA ASP B 47 3.54 -18.15 13.97
C ASP B 47 3.25 -19.49 14.64
N VAL B 48 2.26 -20.22 14.12
CA VAL B 48 1.94 -21.53 14.68
C VAL B 48 3.13 -22.48 14.62
N SER B 49 3.81 -22.52 13.47
CA SER B 49 4.99 -23.35 13.34
C SER B 49 6.09 -22.94 14.32
N ALA B 50 6.30 -21.63 14.47
CA ALA B 50 7.34 -21.14 15.37
C ALA B 50 7.02 -21.48 16.83
N ARG B 51 5.75 -21.36 17.21
CA ARG B 51 5.32 -21.75 18.56
C ARG B 51 5.62 -23.22 18.82
N ARG B 52 5.31 -24.08 17.84
CA ARG B 52 5.56 -25.51 18.00
CA ARG B 52 5.55 -25.51 18.03
C ARG B 52 7.04 -25.80 18.19
N TYR B 53 7.88 -25.11 17.42
CA TYR B 53 9.33 -25.26 17.51
C TYR B 53 9.84 -24.90 18.91
N VAL B 54 9.40 -23.75 19.42
CA VAL B 54 9.80 -23.31 20.75
C VAL B 54 9.29 -24.25 21.85
N LYS B 55 8.02 -24.65 21.77
CA LYS B 55 7.46 -25.56 22.77
C LYS B 55 8.21 -26.88 22.82
N ASN B 56 8.64 -27.37 21.66
CA ASN B 56 9.46 -28.57 21.61
C ASN B 56 10.80 -28.38 22.33
N LEU B 57 11.46 -27.24 22.09
CA LEU B 57 12.69 -26.93 22.82
C LEU B 57 12.48 -26.83 24.33
N MET B 58 11.37 -26.25 24.75
CA MET B 58 11.04 -26.21 26.19
C MET B 58 10.90 -27.61 26.76
N ALA B 59 10.19 -28.47 26.03
CA ALA B 59 10.01 -29.86 26.49
C ALA B 59 11.35 -30.59 26.61
N LEU B 60 12.21 -30.43 25.60
CA LEU B 60 13.53 -31.05 25.62
C LEU B 60 14.39 -30.52 26.76
N ALA B 61 14.13 -29.29 27.18
CA ALA B 61 14.84 -28.70 28.32
C ALA B 61 14.27 -29.18 29.65
N GLY B 62 13.25 -30.03 29.61
CA GLY B 62 12.68 -30.60 30.82
C GLY B 62 11.68 -29.70 31.52
N LEU B 63 11.17 -28.70 30.81
CA LEU B 63 10.23 -27.74 31.37
C LEU B 63 8.79 -28.23 31.30
N THR B 64 7.99 -27.87 32.31
CA THR B 64 6.55 -28.12 32.25
C THR B 64 5.91 -26.98 31.47
N VAL B 65 5.24 -27.33 30.37
CA VAL B 65 4.71 -26.34 29.44
C VAL B 65 3.20 -26.17 29.57
N ARG B 66 2.76 -24.93 29.66
CA ARG B 66 1.33 -24.61 29.62
C ARG B 66 1.07 -23.37 28.79
N GLU B 67 -0.18 -23.17 28.42
CA GLU B 67 -0.57 -22.01 27.61
C GLU B 67 -1.82 -21.38 28.19
N ASP B 68 -1.91 -20.06 28.09
CA ASP B 68 -3.13 -19.39 28.53
C ASP B 68 -4.09 -19.15 27.37
N ALA B 69 -5.18 -18.46 27.65
CA ALA B 69 -6.28 -18.30 26.70
C ALA B 69 -5.92 -17.59 25.39
N VAL B 70 -4.89 -16.74 25.41
CA VAL B 70 -4.48 -16.04 24.20
C VAL B 70 -3.18 -16.58 23.61
N GLY B 71 -2.62 -17.61 24.25
CA GLY B 71 -1.43 -18.22 23.71
C GLY B 71 -0.11 -17.71 24.24
N ASN B 72 -0.11 -17.03 25.38
CA ASN B 72 1.15 -16.87 26.09
C ASN B 72 1.57 -18.28 26.50
N ILE B 73 2.84 -18.60 26.29
CA ILE B 73 3.35 -19.94 26.56
C ILE B 73 4.35 -19.90 27.72
N PHE B 74 4.17 -20.79 28.69
CA PHE B 74 4.97 -20.81 29.91
C PHE B 74 5.69 -22.13 30.08
N GLY B 75 6.99 -22.09 30.35
CA GLY B 75 7.76 -23.32 30.58
C GLY B 75 8.49 -23.24 31.91
N LYS B 76 8.10 -24.08 32.86
CA LYS B 76 8.60 -23.96 34.23
C LYS B 76 9.56 -25.07 34.65
N TRP B 77 10.63 -24.67 35.34
CA TRP B 77 11.54 -25.57 36.02
C TRP B 77 11.21 -25.45 37.51
N ASP B 78 10.62 -26.50 38.08
CA ASP B 78 10.13 -26.45 39.44
C ASP B 78 11.27 -26.33 40.43
N GLY B 79 11.18 -25.35 41.33
CA GLY B 79 12.19 -25.15 42.35
C GLY B 79 12.02 -26.02 43.56
N LEU B 80 12.98 -25.91 44.48
CA LEU B 80 12.93 -26.64 45.74
C LEU B 80 11.82 -26.13 46.66
N GLU B 81 11.41 -24.88 46.44
CA GLU B 81 10.30 -24.29 47.19
C GLU B 81 9.28 -23.76 46.17
N PRO B 82 8.55 -24.67 45.52
CA PRO B 82 7.75 -24.29 44.35
C PRO B 82 6.53 -23.40 44.66
N ASN B 83 6.12 -23.30 45.92
CA ASN B 83 4.99 -22.44 46.24
C ASN B 83 5.33 -20.94 46.21
N LEU B 84 6.63 -20.62 46.29
CA LEU B 84 7.06 -19.22 46.23
C LEU B 84 6.83 -18.66 44.84
N PRO B 85 6.54 -17.35 44.75
CA PRO B 85 6.53 -16.69 43.45
C PRO B 85 7.83 -16.97 42.68
N ALA B 86 7.68 -17.36 41.43
CA ALA B 86 8.82 -17.78 40.62
C ALA B 86 9.58 -16.59 40.05
N VAL B 87 10.78 -16.86 39.54
CA VAL B 87 11.54 -15.86 38.79
C VAL B 87 11.24 -16.13 37.32
N ALA B 88 10.73 -15.11 36.63
CA ALA B 88 10.32 -15.27 35.24
C ALA B 88 11.26 -14.56 34.28
N THR B 89 11.30 -15.07 33.05
CA THR B 89 12.08 -14.45 31.97
C THR B 89 11.47 -14.83 30.65
N GLY B 90 11.60 -13.97 29.65
CA GLY B 90 11.11 -14.33 28.34
C GLY B 90 11.00 -13.13 27.43
N SER B 91 10.42 -13.37 26.26
CA SER B 91 10.38 -12.36 25.21
C SER B 91 9.41 -12.85 24.14
N HIS B 92 9.52 -12.29 22.94
CA HIS B 92 8.56 -12.59 21.87
C HIS B 92 9.26 -13.23 20.68
N ILE B 93 8.49 -13.86 19.79
CA ILE B 93 9.08 -14.36 18.55
C ILE B 93 8.37 -13.82 17.30
N ASP B 94 7.37 -12.96 17.47
CA ASP B 94 6.80 -12.34 16.27
C ASP B 94 7.78 -11.31 15.69
N ALA B 95 7.65 -11.07 14.39
CA ALA B 95 8.57 -10.23 13.64
C ALA B 95 7.75 -9.37 12.69
N ILE B 96 8.02 -8.07 12.69
CA ILE B 96 7.33 -7.15 11.79
C ILE B 96 7.76 -7.40 10.35
N PRO B 97 7.02 -6.87 9.37
CA PRO B 97 7.42 -7.15 7.99
C PRO B 97 8.85 -6.75 7.64
N TYR B 98 9.58 -7.70 7.03
CA TYR B 98 10.93 -7.45 6.52
C TYR B 98 11.90 -7.01 7.61
N SER B 99 11.90 -7.77 8.69
CA SER B 99 12.76 -7.49 9.82
C SER B 99 13.84 -8.57 10.00
N GLY B 100 14.49 -8.55 11.16
CA GLY B 100 15.62 -9.44 11.39
C GLY B 100 15.28 -10.71 12.17
N LYS B 101 16.33 -11.44 12.53
CA LYS B 101 16.21 -12.78 13.14
C LYS B 101 16.42 -12.78 14.66
N TYR B 102 16.80 -11.63 15.23
CA TYR B 102 17.30 -11.57 16.62
C TYR B 102 16.37 -10.86 17.60
N ASP B 103 15.63 -9.86 17.12
CA ASP B 103 14.67 -9.12 17.92
C ASP B 103 13.68 -10.12 18.55
N GLY B 104 13.59 -10.12 19.88
CA GLY B 104 12.69 -11.02 20.57
C GLY B 104 13.25 -12.43 20.73
N VAL B 105 13.63 -13.02 19.60
CA VAL B 105 14.03 -14.41 19.56
C VAL B 105 15.18 -14.72 20.52
N VAL B 106 16.16 -13.81 20.61
CA VAL B 106 17.29 -14.04 21.51
C VAL B 106 16.82 -14.26 22.94
N GLY B 107 15.80 -13.50 23.37
CA GLY B 107 15.32 -13.60 24.73
C GLY B 107 14.44 -14.81 24.99
N VAL B 108 13.98 -15.47 23.93
CA VAL B 108 13.22 -16.72 24.08
C VAL B 108 14.17 -17.92 23.97
N LEU B 109 14.85 -18.06 22.85
CA LEU B 109 15.81 -19.15 22.70
C LEU B 109 16.93 -19.06 23.72
N GLY B 110 17.37 -17.83 23.99
CA GLY B 110 18.41 -17.60 24.98
C GLY B 110 17.99 -17.93 26.39
N ALA B 111 16.71 -17.72 26.70
CA ALA B 111 16.19 -18.10 28.02
C ALA B 111 16.16 -19.61 28.17
N ILE B 112 15.75 -20.31 27.12
CA ILE B 112 15.80 -21.77 27.15
C ILE B 112 17.23 -22.24 27.31
N GLU B 113 18.16 -21.62 26.58
CA GLU B 113 19.57 -21.95 26.74
C GLU B 113 20.07 -21.66 28.16
N ALA B 114 19.57 -20.60 28.80
CA ALA B 114 19.97 -20.28 30.16
C ALA B 114 19.56 -21.40 31.12
N ILE B 115 18.39 -21.99 30.90
CA ILE B 115 17.95 -23.16 31.66
C ILE B 115 18.92 -24.31 31.44
N ASN B 116 19.24 -24.59 30.19
CA ASN B 116 20.18 -25.67 29.88
C ASN B 116 21.58 -25.44 30.49
N VAL B 117 22.02 -24.19 30.45
CA VAL B 117 23.28 -23.79 31.07
C VAL B 117 23.29 -24.06 32.59
N LEU B 118 22.23 -23.64 33.27
CA LEU B 118 22.12 -23.83 34.72
C LEU B 118 22.05 -25.32 35.07
N LYS B 119 21.33 -26.09 34.25
CA LYS B 119 21.24 -27.53 34.51
C LYS B 119 22.59 -28.21 34.36
N ARG B 120 23.36 -27.82 33.34
CA ARG B 120 24.69 -28.38 33.15
C ARG B 120 25.64 -28.09 34.31
N SER B 121 25.44 -26.93 34.93
CA SER B 121 26.26 -26.53 36.07
C SER B 121 25.76 -27.12 37.40
N GLY B 122 24.66 -27.86 37.36
CA GLY B 122 24.14 -28.48 38.57
C GLY B 122 23.47 -27.50 39.52
N PHE B 123 23.02 -26.36 38.99
CA PHE B 123 22.32 -25.39 39.81
C PHE B 123 20.94 -25.92 40.21
N LYS B 124 20.58 -25.66 41.47
CA LYS B 124 19.31 -26.12 42.02
C LYS B 124 18.47 -24.93 42.50
N PRO B 125 17.52 -24.50 41.67
CA PRO B 125 16.76 -23.30 42.05
C PRO B 125 15.89 -23.52 43.28
N LYS B 126 15.84 -22.51 44.14
CA LYS B 126 14.92 -22.49 45.27
C LYS B 126 13.54 -22.03 44.79
N ARG B 127 13.44 -20.77 44.37
CA ARG B 127 12.27 -20.33 43.61
C ARG B 127 12.33 -20.95 42.23
N SER B 128 11.17 -21.39 41.74
CA SER B 128 11.09 -21.92 40.38
C SER B 128 11.51 -20.87 39.37
N LEU B 129 11.96 -21.35 38.22
CA LEU B 129 12.25 -20.50 37.08
C LEU B 129 11.20 -20.75 36.01
N GLU B 130 10.65 -19.70 35.42
CA GLU B 130 9.67 -19.86 34.37
C GLU B 130 9.97 -19.01 33.15
N ILE B 131 9.97 -19.64 31.98
CA ILE B 131 10.18 -18.95 30.73
C ILE B 131 8.83 -18.61 30.12
N ILE B 132 8.66 -17.36 29.71
CA ILE B 132 7.45 -16.92 29.04
C ILE B 132 7.75 -16.60 27.57
N LEU B 133 7.02 -17.25 26.68
CA LEU B 133 6.96 -16.83 25.28
C LEU B 133 5.68 -16.02 25.18
N PHE B 134 5.81 -14.69 25.11
CA PHE B 134 4.65 -13.83 24.98
C PHE B 134 3.97 -14.06 23.65
N THR B 135 2.65 -14.01 23.64
CA THR B 135 1.92 -14.46 22.46
C THR B 135 2.19 -13.57 21.25
N SER B 136 2.47 -12.30 21.50
CA SER B 136 2.83 -11.34 20.48
C SER B 136 3.26 -10.06 21.16
N GLU B 137 4.31 -9.43 20.65
CA GLU B 137 4.72 -8.14 21.17
C GLU B 137 4.61 -7.02 20.13
N GLU B 138 4.72 -7.37 18.85
CA GLU B 138 4.69 -6.35 17.79
C GLU B 138 3.26 -5.95 17.43
N PRO B 139 3.06 -4.69 17.01
CA PRO B 139 1.71 -4.19 16.76
C PRO B 139 1.18 -4.47 15.35
N THR B 140 1.87 -5.27 14.57
CA THR B 140 1.58 -5.44 13.14
C THR B 140 0.13 -5.80 12.81
N ARG B 141 -0.42 -6.82 13.49
CA ARG B 141 -1.70 -7.35 13.06
C ARG B 141 -2.90 -6.50 13.47
N PHE B 142 -2.96 -6.14 14.75
CA PHE B 142 -4.16 -5.48 15.28
C PHE B 142 -3.91 -4.04 15.73
N GLY B 143 -2.69 -3.54 15.52
CA GLY B 143 -2.33 -2.21 15.98
C GLY B 143 -1.99 -2.14 17.46
N ILE B 144 -1.99 -3.31 18.10
CA ILE B 144 -1.78 -3.41 19.53
C ILE B 144 -0.42 -4.03 19.81
N SER B 145 0.46 -3.24 20.45
CA SER B 145 1.74 -3.77 20.89
C SER B 145 1.57 -4.51 22.20
N CYS B 146 2.51 -5.42 22.47
CA CYS B 146 2.54 -6.10 23.76
C CYS B 146 1.20 -6.73 24.12
N LEU B 147 0.53 -7.35 23.15
CA LEU B 147 -0.82 -7.84 23.40
C LEU B 147 -0.85 -8.82 24.57
N GLY B 148 0.11 -9.73 24.60
CA GLY B 148 0.16 -10.72 25.66
C GLY B 148 0.47 -10.13 27.02
N SER B 149 1.51 -9.30 27.10
CA SER B 149 1.91 -8.76 28.39
C SER B 149 0.96 -7.70 28.92
N ARG B 150 0.30 -6.95 28.03
CA ARG B 150 -0.71 -6.01 28.49
C ARG B 150 -1.85 -6.76 29.18
N LEU B 151 -2.19 -7.94 28.69
CA LEU B 151 -3.22 -8.77 29.31
C LEU B 151 -2.71 -9.41 30.61
N LEU B 152 -1.48 -9.90 30.62
CA LEU B 152 -0.92 -10.45 31.85
C LEU B 152 -0.96 -9.38 32.96
N ALA B 153 -0.69 -8.14 32.58
CA ALA B 153 -0.67 -7.04 33.53
C ALA B 153 -2.07 -6.50 33.87
N GLY B 154 -3.11 -7.15 33.35
CA GLY B 154 -4.47 -6.91 33.83
C GLY B 154 -5.27 -5.81 33.16
N SER B 155 -5.03 -5.57 31.88
CA SER B 155 -5.79 -4.53 31.18
C SER B 155 -7.21 -4.98 30.86
N LYS B 156 -8.16 -4.54 31.66
CA LYS B 156 -9.57 -4.83 31.42
C LYS B 156 -10.05 -4.20 30.11
N GLU B 157 -9.57 -2.98 29.86
CA GLU B 157 -9.93 -2.26 28.65
C GLU B 157 -9.54 -3.06 27.40
N LEU B 158 -8.33 -3.59 27.40
CA LEU B 158 -7.86 -4.40 26.28
C LEU B 158 -8.64 -5.71 26.15
N ALA B 159 -8.85 -6.40 27.28
CA ALA B 159 -9.62 -7.64 27.25
C ALA B 159 -11.01 -7.41 26.64
N GLU B 160 -11.66 -6.33 27.06
CA GLU B 160 -12.97 -5.97 26.52
C GLU B 160 -12.92 -5.69 25.01
N ALA B 161 -11.94 -4.89 24.60
CA ALA B 161 -11.81 -4.54 23.19
C ALA B 161 -11.54 -5.78 22.33
N LEU B 162 -10.69 -6.69 22.82
CA LEU B 162 -10.36 -7.89 22.06
C LEU B 162 -11.58 -8.78 21.85
N LYS B 163 -12.50 -8.78 22.80
CA LYS B 163 -13.71 -9.60 22.69
C LYS B 163 -14.82 -8.95 21.86
N THR B 164 -14.79 -7.63 21.73
CA THR B 164 -15.93 -6.92 21.16
C THR B 164 -15.69 -6.21 19.83
N THR B 165 -14.52 -5.61 19.63
CA THR B 165 -14.31 -4.74 18.47
C THR B 165 -13.05 -5.00 17.64
N VAL B 166 -12.02 -5.56 18.25
CA VAL B 166 -10.73 -5.64 17.57
C VAL B 166 -10.72 -6.54 16.33
N VAL B 167 -10.32 -5.96 15.21
CA VAL B 167 -10.13 -6.69 13.96
C VAL B 167 -8.83 -6.25 13.30
N ASP B 168 -8.31 -7.07 12.39
CA ASP B 168 -7.11 -6.70 11.64
C ASP B 168 -7.46 -5.96 10.34
N GLY B 169 -6.46 -5.77 9.49
CA GLY B 169 -6.65 -5.02 8.26
C GLY B 169 -7.47 -5.73 7.20
N GLN B 170 -7.74 -7.02 7.44
CA GLN B 170 -8.57 -7.80 6.52
C GLN B 170 -9.93 -8.09 7.15
N ASN B 171 -10.23 -7.36 8.22
CA ASN B 171 -11.48 -7.49 8.97
C ASN B 171 -11.66 -8.86 9.64
N VAL B 172 -10.54 -9.56 9.86
CA VAL B 172 -10.57 -10.78 10.68
C VAL B 172 -10.49 -10.37 12.15
N SER B 173 -11.42 -10.86 12.95
CA SER B 173 -11.46 -10.49 14.36
C SER B 173 -10.33 -11.15 15.14
N PHE B 174 -10.00 -10.59 16.29
CA PHE B 174 -9.01 -11.19 17.17
C PHE B 174 -9.42 -12.61 17.54
N ILE B 175 -10.68 -12.78 17.91
CA ILE B 175 -11.18 -14.09 18.34
C ILE B 175 -11.09 -15.13 17.22
N GLU B 176 -11.46 -14.74 16.00
CA GLU B 176 -11.35 -15.66 14.88
C GLU B 176 -9.90 -16.03 14.59
N ALA B 177 -9.01 -15.05 14.65
CA ALA B 177 -7.58 -15.30 14.43
C ALA B 177 -7.01 -16.23 15.50
N ALA B 178 -7.32 -15.94 16.76
CA ALA B 178 -6.88 -16.78 17.87
C ALA B 178 -7.36 -18.22 17.70
N ARG B 179 -8.64 -18.37 17.38
CA ARG B 179 -9.22 -19.71 17.24
C ARG B 179 -8.61 -20.51 16.11
N SER B 180 -8.24 -19.84 15.02
CA SER B 180 -7.58 -20.52 13.91
C SER B 180 -6.21 -21.05 14.32
N ALA B 181 -5.60 -20.41 15.32
CA ALA B 181 -4.29 -20.83 15.81
C ALA B 181 -4.38 -21.81 16.98
N GLY B 182 -5.60 -22.11 17.41
CA GLY B 182 -5.83 -23.08 18.47
C GLY B 182 -6.10 -22.52 19.86
N TYR B 183 -6.41 -21.22 19.94
CA TYR B 183 -6.60 -20.55 21.21
C TYR B 183 -7.98 -19.94 21.37
N ALA B 184 -8.24 -19.36 22.54
CA ALA B 184 -9.49 -18.65 22.86
C ALA B 184 -10.74 -19.42 22.45
N GLU B 185 -10.71 -20.73 22.60
CA GLU B 185 -11.80 -21.59 22.16
C GLU B 185 -13.03 -21.49 23.06
N ASP B 186 -12.80 -21.31 24.37
CA ASP B 186 -13.85 -21.15 25.36
C ASP B 186 -14.66 -19.87 25.12
N LYS B 187 -15.98 -19.99 25.13
CA LYS B 187 -16.84 -18.83 24.89
C LYS B 187 -17.10 -18.08 26.21
N ASP B 188 -16.93 -18.76 27.33
CA ASP B 188 -17.28 -18.19 28.63
C ASP B 188 -16.21 -17.28 29.23
N ASP B 189 -15.07 -17.16 28.55
CA ASP B 189 -13.94 -16.40 29.07
C ASP B 189 -13.94 -14.97 28.53
N ASP B 190 -13.94 -13.98 29.42
CA ASP B 190 -13.81 -12.59 29.01
C ASP B 190 -12.34 -12.19 28.91
N LEU B 191 -11.48 -13.22 28.91
CA LEU B 191 -10.01 -13.09 28.86
C LEU B 191 -9.35 -12.65 30.17
N SER B 192 -10.16 -12.43 31.20
CA SER B 192 -9.61 -12.10 32.51
C SER B 192 -8.85 -13.29 33.12
N SER B 193 -9.06 -14.48 32.56
CA SER B 193 -8.31 -15.66 33.00
C SER B 193 -6.81 -15.48 32.78
N VAL B 194 -6.46 -14.57 31.87
CA VAL B 194 -5.08 -14.34 31.50
C VAL B 194 -4.36 -13.49 32.56
N PHE B 195 -5.12 -12.67 33.28
CA PHE B 195 -4.54 -11.71 34.21
C PHE B 195 -3.71 -12.39 35.31
N LEU B 196 -2.53 -11.84 35.58
CA LEU B 196 -1.74 -12.24 36.74
C LEU B 196 -1.90 -11.21 37.87
N LYS B 197 -2.04 -11.67 39.09
CA LYS B 197 -2.12 -10.78 40.25
C LYS B 197 -0.72 -10.21 40.53
N LYS B 198 -0.69 -9.00 41.06
CA LYS B 198 0.58 -8.34 41.34
C LYS B 198 1.35 -9.23 42.31
N GLY B 199 2.63 -9.45 42.02
CA GLY B 199 3.46 -10.29 42.85
C GLY B 199 3.51 -11.79 42.59
N SER B 200 2.82 -12.32 41.58
CA SER B 200 2.85 -13.75 41.28
C SER B 200 4.23 -14.21 40.86
N TYR B 201 5.00 -13.28 40.29
CA TYR B 201 6.42 -13.47 40.05
C TYR B 201 7.23 -12.62 41.00
N PHE B 202 8.32 -13.18 41.48
CA PHE B 202 9.27 -12.49 42.33
C PHE B 202 9.99 -11.39 41.56
N ALA B 203 10.28 -11.68 40.30
CA ALA B 203 10.95 -10.75 39.39
C ALA B 203 10.74 -11.23 37.97
N PHE B 204 10.91 -10.33 37.02
CA PHE B 204 10.86 -10.66 35.61
C PHE B 204 12.06 -10.03 34.90
N LEU B 205 12.78 -10.85 34.12
CA LEU B 205 13.98 -10.43 33.39
C LEU B 205 13.78 -10.66 31.91
N GLU B 206 14.27 -9.75 31.08
CA GLU B 206 14.22 -9.97 29.64
C GLU B 206 15.60 -9.71 29.02
N LEU B 207 16.14 -10.74 28.35
CA LEU B 207 17.36 -10.59 27.57
C LEU B 207 16.96 -10.11 26.19
N HIS B 208 17.66 -9.10 25.66
CA HIS B 208 17.28 -8.54 24.37
C HIS B 208 18.48 -7.88 23.70
N ILE B 209 18.53 -7.91 22.37
CA ILE B 209 19.54 -7.11 21.67
C ILE B 209 19.29 -5.64 21.95
N GLU B 210 20.38 -4.86 22.01
CA GLU B 210 20.26 -3.43 22.33
C GLU B 210 19.35 -2.66 21.37
N GLN B 211 19.42 -2.99 20.08
CA GLN B 211 18.73 -2.23 19.03
C GLN B 211 19.26 -0.79 18.98
N GLY B 212 20.52 -0.64 19.35
CA GLY B 212 21.24 0.62 19.29
C GLY B 212 22.71 0.30 19.19
N PRO B 213 23.54 1.30 18.88
CA PRO B 213 24.97 1.04 18.66
C PRO B 213 25.86 1.31 19.87
N ILE B 214 25.28 1.63 21.01
CA ILE B 214 26.04 2.11 22.15
C ILE B 214 27.03 1.10 22.70
N LEU B 215 26.56 -0.11 22.99
CA LEU B 215 27.47 -1.12 23.54
C LEU B 215 28.58 -1.43 22.56
N GLU B 216 28.22 -1.57 21.28
CA GLU B 216 29.23 -1.83 20.27
C GLU B 216 30.24 -0.69 20.16
N ASP B 217 29.76 0.56 20.13
CA ASP B 217 30.64 1.71 20.00
C ASP B 217 31.58 1.88 21.19
N GLU B 218 31.09 1.58 22.38
CA GLU B 218 31.89 1.73 23.59
C GLU B 218 32.77 0.51 23.88
N GLY B 219 32.57 -0.57 23.12
CA GLY B 219 33.34 -1.78 23.34
C GLY B 219 32.91 -2.58 24.56
N LEU B 220 31.62 -2.50 24.90
CA LEU B 220 31.11 -3.13 26.11
C LEU B 220 30.32 -4.41 25.80
N ASP B 221 30.24 -5.30 26.79
CA ASP B 221 29.56 -6.59 26.61
C ASP B 221 28.08 -6.54 26.96
N ILE B 222 27.72 -5.77 27.98
CA ILE B 222 26.40 -5.88 28.58
C ILE B 222 25.83 -4.53 28.94
N GLY B 223 24.57 -4.32 28.60
CA GLY B 223 23.83 -3.18 29.13
C GLY B 223 22.86 -3.61 30.20
N VAL B 224 22.95 -2.97 31.35
CA VAL B 224 22.02 -3.22 32.44
C VAL B 224 20.96 -2.13 32.31
N VAL B 225 19.77 -2.53 31.87
CA VAL B 225 18.74 -1.56 31.51
C VAL B 225 18.09 -0.97 32.76
N THR B 226 18.03 0.36 32.83
CA THR B 226 17.47 1.05 33.99
C THR B 226 16.04 1.56 33.78
N ALA B 227 15.62 1.70 32.53
CA ALA B 227 14.29 2.24 32.23
C ALA B 227 13.94 1.95 30.79
N ILE B 228 12.66 2.05 30.48
CA ILE B 228 12.15 1.88 29.13
C ILE B 228 11.38 3.14 28.75
N ALA B 229 11.70 3.72 27.60
CA ALA B 229 11.08 4.96 27.15
C ALA B 229 9.57 4.81 26.91
N ALA B 230 8.88 5.94 27.01
CA ALA B 230 7.41 5.99 26.96
C ALA B 230 6.88 6.01 25.53
N PRO B 231 6.15 4.96 25.12
CA PRO B 231 5.72 4.87 23.71
C PRO B 231 4.26 5.26 23.47
N ALA B 232 4.01 5.84 22.29
CA ALA B 232 2.65 6.14 21.87
C ALA B 232 2.49 5.88 20.39
N SER B 233 1.25 5.66 19.97
CA SER B 233 0.97 5.57 18.54
C SER B 233 -0.39 6.18 18.22
N LEU B 234 -0.52 6.66 16.98
CA LEU B 234 -1.69 7.42 16.54
C LEU B 234 -2.07 6.96 15.15
N LYS B 235 -3.37 6.99 14.84
CA LYS B 235 -3.86 6.77 13.47
C LYS B 235 -4.62 8.02 13.02
N VAL B 236 -4.37 8.44 11.78
CA VAL B 236 -4.98 9.65 11.25
C VAL B 236 -5.52 9.40 9.84
N GLU B 237 -6.73 9.89 9.57
CA GLU B 237 -7.27 9.81 8.21
C GLU B 237 -7.79 11.16 7.76
N PHE B 238 -7.55 11.48 6.50
CA PHE B 238 -8.13 12.66 5.86
C PHE B 238 -9.01 12.22 4.71
N GLU B 239 -10.09 12.95 4.47
CA GLU B 239 -10.98 12.67 3.34
C GLU B 239 -11.22 13.90 2.47
N GLY B 240 -11.14 13.69 1.16
CA GLY B 240 -11.46 14.71 0.18
C GLY B 240 -12.41 14.18 -0.90
N ASN B 241 -12.59 14.95 -1.96
CA ASN B 241 -13.58 14.61 -2.96
C ASN B 241 -13.09 13.65 -4.04
N GLY B 242 -11.78 13.58 -4.20
CA GLY B 242 -11.19 12.78 -5.27
C GLY B 242 -11.65 13.21 -6.66
N GLY B 243 -11.42 12.33 -7.62
CA GLY B 243 -11.74 12.63 -9.00
C GLY B 243 -10.58 12.46 -9.96
N HIS B 244 -10.78 12.99 -11.15
CA HIS B 244 -9.92 12.72 -12.29
C HIS B 244 -8.66 13.58 -12.28
N ALA B 245 -7.50 12.93 -12.21
CA ALA B 245 -6.21 13.63 -12.11
C ALA B 245 -5.92 14.53 -13.31
N GLY B 246 -6.47 14.20 -14.47
CA GLY B 246 -6.18 14.97 -15.66
C GLY B 246 -7.15 16.13 -15.84
N ALA B 247 -8.36 15.98 -15.32
CA ALA B 247 -9.41 16.93 -15.64
C ALA B 247 -9.81 17.90 -14.53
N VAL B 248 -9.58 17.54 -13.27
CA VAL B 248 -9.92 18.43 -12.18
C VAL B 248 -8.82 19.46 -12.03
N LEU B 249 -9.13 20.71 -12.31
CA LEU B 249 -8.11 21.74 -12.27
C LEU B 249 -7.68 22.03 -10.82
N MET B 250 -6.44 22.49 -10.66
CA MET B 250 -5.86 22.61 -9.32
C MET B 250 -6.67 23.42 -8.29
N PRO B 251 -7.26 24.56 -8.68
CA PRO B 251 -7.99 25.35 -7.66
C PRO B 251 -9.20 24.63 -7.06
N TYR B 252 -9.65 23.53 -7.68
CA TYR B 252 -10.88 22.87 -7.24
C TYR B 252 -10.61 21.63 -6.41
N ARG B 253 -9.34 21.37 -6.13
CA ARG B 253 -8.95 20.14 -5.45
C ARG B 253 -8.93 20.26 -3.95
N ASN B 254 -9.06 19.11 -3.30
CA ASN B 254 -8.80 18.97 -1.88
C ASN B 254 -8.10 17.62 -1.65
N ASP B 255 -6.81 17.61 -1.96
CA ASP B 255 -6.03 16.38 -2.14
C ASP B 255 -5.64 15.76 -0.79
N ALA B 256 -6.22 14.60 -0.49
CA ALA B 256 -5.97 13.93 0.79
C ALA B 256 -4.52 13.45 0.93
N GLY B 257 -3.88 13.14 -0.20
CA GLY B 257 -2.48 12.74 -0.19
C GLY B 257 -1.56 13.88 0.20
N LEU B 258 -1.83 15.08 -0.29
CA LEU B 258 -1.02 16.23 0.09
C LEU B 258 -1.21 16.59 1.57
N ALA B 259 -2.43 16.44 2.08
CA ALA B 259 -2.66 16.62 3.52
C ALA B 259 -1.80 15.63 4.32
N ALA B 260 -1.74 14.39 3.87
CA ALA B 260 -0.94 13.37 4.54
C ALA B 260 0.54 13.72 4.47
N ALA B 261 1.02 14.16 3.30
CA ALA B 261 2.41 14.57 3.15
C ALA B 261 2.77 15.70 4.12
N GLU B 262 1.88 16.68 4.21
CA GLU B 262 2.10 17.79 5.13
C GLU B 262 2.10 17.34 6.58
N LEU B 263 1.22 16.40 6.93
CA LEU B 263 1.20 15.94 8.31
C LEU B 263 2.47 15.16 8.65
N ALA B 264 2.96 14.35 7.71
CA ALA B 264 4.19 13.58 7.95
C ALA B 264 5.36 14.52 8.22
N LEU B 265 5.45 15.60 7.46
CA LEU B 265 6.49 16.60 7.69
C LEU B 265 6.27 17.35 9.01
N ALA B 266 5.02 17.55 9.38
CA ALA B 266 4.72 18.21 10.66
C ALA B 266 5.15 17.34 11.85
N VAL B 267 4.98 16.03 11.72
CA VAL B 267 5.45 15.10 12.76
C VAL B 267 6.94 15.29 13.00
N GLU B 268 7.73 15.29 11.92
CA GLU B 268 9.17 15.50 12.03
C GLU B 268 9.46 16.84 12.72
N LYS B 269 8.78 17.90 12.28
CA LYS B 269 8.98 19.24 12.80
C LYS B 269 8.73 19.29 14.31
N HIS B 270 7.63 18.72 14.76
CA HIS B 270 7.30 18.79 16.18
C HIS B 270 8.26 17.96 17.04
N VAL B 271 8.75 16.85 16.50
CA VAL B 271 9.76 16.07 17.21
C VAL B 271 11.03 16.91 17.40
N LEU B 272 11.49 17.55 16.33
CA LEU B 272 12.68 18.38 16.39
C LEU B 272 12.50 19.59 17.32
N GLU B 273 11.27 20.10 17.41
CA GLU B 273 10.96 21.22 18.30
C GLU B 273 11.17 20.88 19.79
N SER B 274 11.30 19.60 20.14
CA SER B 274 11.44 19.25 21.56
C SER B 274 12.81 19.67 22.07
N GLU B 275 13.76 19.81 21.14
CA GLU B 275 15.15 20.16 21.41
C GLU B 275 15.93 19.07 22.13
N SER B 276 15.33 17.89 22.26
CA SER B 276 16.03 16.75 22.84
C SER B 276 16.27 15.64 21.84
N ILE B 277 17.47 15.10 21.82
CA ILE B 277 17.77 14.01 20.89
C ILE B 277 17.07 12.70 21.31
N ASP B 278 16.48 12.68 22.51
CA ASP B 278 15.78 11.49 22.99
C ASP B 278 14.36 11.36 22.43
N THR B 279 13.88 12.41 21.77
CA THR B 279 12.53 12.38 21.20
C THR B 279 12.57 11.83 19.78
N VAL B 280 11.65 10.90 19.49
CA VAL B 280 11.54 10.35 18.14
C VAL B 280 10.08 10.35 17.68
N GLY B 281 9.89 10.42 16.37
CA GLY B 281 8.56 10.29 15.79
C GLY B 281 8.71 9.85 14.36
N THR B 282 7.79 9.01 13.91
CA THR B 282 7.93 8.36 12.60
C THR B 282 6.57 8.16 11.98
N VAL B 283 6.48 8.34 10.67
CA VAL B 283 5.34 7.88 9.90
C VAL B 283 5.77 6.65 9.12
N GLY B 284 5.44 5.48 9.63
CA GLY B 284 5.82 4.24 8.98
C GLY B 284 4.79 3.68 8.03
N ILE B 285 3.55 4.17 8.17
CA ILE B 285 2.47 3.74 7.29
C ILE B 285 1.80 4.99 6.73
N LEU B 286 1.69 5.05 5.41
CA LEU B 286 0.98 6.15 4.74
C LEU B 286 0.37 5.53 3.51
N GLU B 287 -0.96 5.37 3.53
CA GLU B 287 -1.70 4.72 2.46
C GLU B 287 -2.69 5.67 1.79
N LEU B 288 -2.71 5.65 0.47
CA LEU B 288 -3.63 6.48 -0.31
C LEU B 288 -4.75 5.64 -0.92
N HIS B 289 -5.92 6.24 -1.00
CA HIS B 289 -7.07 5.64 -1.64
C HIS B 289 -7.62 6.67 -2.65
N PRO B 290 -7.99 6.23 -3.86
CA PRO B 290 -7.97 4.85 -4.35
C PRO B 290 -6.60 4.27 -4.65
N GLY B 291 -5.54 5.10 -4.69
CA GLY B 291 -4.21 4.59 -4.98
C GLY B 291 -4.02 4.21 -6.43
N ALA B 292 -4.42 5.10 -7.33
CA ALA B 292 -4.22 4.93 -8.76
C ALA B 292 -3.57 6.21 -9.26
N ILE B 293 -2.67 6.08 -10.24
CA ILE B 293 -1.86 7.20 -10.68
C ILE B 293 -2.71 8.37 -11.17
N ASN B 294 -3.86 8.04 -11.77
CA ASN B 294 -4.70 9.05 -12.40
C ASN B 294 -6.01 9.33 -11.64
N SER B 295 -5.96 9.07 -10.33
CA SER B 295 -7.08 9.30 -9.43
C SER B 295 -6.60 10.17 -8.26
N ILE B 296 -7.19 11.35 -8.07
CA ILE B 296 -6.73 12.19 -6.96
C ILE B 296 -7.11 11.54 -5.64
N PRO B 297 -6.16 11.38 -4.71
CA PRO B 297 -6.52 10.66 -3.48
C PRO B 297 -7.69 11.31 -2.75
N SER B 298 -8.71 10.50 -2.47
CA SER B 298 -9.87 10.96 -1.70
C SER B 298 -9.81 10.55 -0.23
N LYS B 299 -8.90 9.64 0.10
CA LYS B 299 -8.67 9.29 1.50
C LYS B 299 -7.20 9.00 1.69
N SER B 300 -6.66 9.46 2.81
CA SER B 300 -5.29 9.07 3.18
C SER B 300 -5.32 8.56 4.60
N HIS B 301 -4.42 7.62 4.90
CA HIS B 301 -4.37 6.97 6.20
C HIS B 301 -2.91 6.93 6.64
N LEU B 302 -2.62 7.53 7.80
CA LEU B 302 -1.27 7.55 8.39
C LEU B 302 -1.28 6.84 9.72
N GLU B 303 -0.19 6.12 10.02
CA GLU B 303 0.01 5.60 11.36
C GLU B 303 1.36 6.10 11.85
N ILE B 304 1.32 6.68 13.04
CA ILE B 304 2.43 7.48 13.56
C ILE B 304 2.89 6.88 14.88
N ASP B 305 4.20 6.71 15.01
CA ASP B 305 4.84 6.22 16.22
C ASP B 305 5.60 7.39 16.84
N THR B 306 5.44 7.64 18.14
CA THR B 306 6.26 8.67 18.76
C THR B 306 6.56 8.32 20.22
N ARG B 307 7.76 8.66 20.66
CA ARG B 307 8.26 8.21 21.97
C ARG B 307 9.24 9.21 22.55
N ASP B 308 9.45 9.12 23.86
CA ASP B 308 10.49 9.89 24.54
C ASP B 308 10.72 9.20 25.88
N ILE B 309 11.92 9.36 26.44
CA ILE B 309 12.14 8.91 27.81
C ILE B 309 11.34 9.79 28.78
N ASP B 310 11.10 11.04 28.37
CA ASP B 310 10.26 11.93 29.15
C ASP B 310 8.84 11.97 28.62
N GLU B 311 7.91 11.47 29.43
CA GLU B 311 6.51 11.34 29.06
C GLU B 311 5.87 12.68 28.69
N ALA B 312 6.11 13.72 29.50
CA ALA B 312 5.51 15.03 29.22
C ALA B 312 5.99 15.63 27.90
N ARG B 313 7.28 15.47 27.61
CA ARG B 313 7.87 15.99 26.38
C ARG B 313 7.27 15.28 25.16
N ARG B 314 7.08 13.97 25.26
CA ARG B 314 6.38 13.20 24.24
C ARG B 314 4.94 13.67 24.06
N ASN B 315 4.24 13.88 25.16
CA ASN B 315 2.85 14.30 25.11
C ASN B 315 2.68 15.64 24.41
N THR B 316 3.66 16.53 24.56
CA THR B 316 3.64 17.80 23.86
C THR B 316 3.70 17.58 22.35
N VAL B 317 4.54 16.64 21.90
CA VAL B 317 4.59 16.29 20.48
C VAL B 317 3.23 15.82 19.97
N ILE B 318 2.56 14.97 20.74
CA ILE B 318 1.25 14.45 20.36
C ILE B 318 0.22 15.58 20.25
N LYS B 319 0.20 16.49 21.23
CA LYS B 319 -0.70 17.63 21.18
C LYS B 319 -0.48 18.46 19.92
N LYS B 320 0.78 18.70 19.59
CA LYS B 320 1.13 19.49 18.42
C LYS B 320 0.72 18.80 17.13
N ILE B 321 0.89 17.48 17.09
CA ILE B 321 0.50 16.72 15.91
C ILE B 321 -1.00 16.85 15.67
N GLN B 322 -1.80 16.78 16.74
CA GLN B 322 -3.24 16.96 16.59
C GLN B 322 -3.58 18.37 16.12
N GLU B 323 -2.90 19.37 16.66
CA GLU B 323 -3.09 20.74 16.20
C GLU B 323 -2.78 20.89 14.72
N SER B 324 -1.66 20.32 14.30
CA SER B 324 -1.27 20.38 12.88
C SER B 324 -2.24 19.63 11.99
N ALA B 325 -2.75 18.49 12.45
CA ALA B 325 -3.72 17.74 11.64
C ALA B 325 -4.96 18.58 11.37
N ASN B 326 -5.39 19.32 12.38
CA ASN B 326 -6.55 20.19 12.23
C ASN B 326 -6.27 21.41 11.33
N THR B 327 -5.11 22.03 11.50
CA THR B 327 -4.69 23.16 10.68
C THR B 327 -4.57 22.76 9.21
N ILE B 328 -3.92 21.63 8.96
CA ILE B 328 -3.77 21.10 7.61
C ILE B 328 -5.11 20.76 6.98
N ALA B 329 -6.01 20.14 7.75
CA ALA B 329 -7.33 19.80 7.21
C ALA B 329 -8.07 21.06 6.76
N LYS B 330 -8.06 22.11 7.60
CA LYS B 330 -8.74 23.35 7.25
C LYS B 330 -8.11 24.00 6.00
N LYS B 331 -6.79 24.05 5.95
CA LYS B 331 -6.08 24.67 4.83
C LYS B 331 -6.32 23.90 3.53
N ARG B 332 -6.25 22.58 3.60
CA ARG B 332 -6.44 21.73 2.43
C ARG B 332 -7.91 21.54 2.06
N LYS B 333 -8.80 22.01 2.93
CA LYS B 333 -10.24 21.84 2.76
C LYS B 333 -10.65 20.36 2.68
N VAL B 334 -9.98 19.54 3.50
CA VAL B 334 -10.34 18.15 3.67
C VAL B 334 -10.92 17.90 5.06
N LYS B 335 -11.62 16.78 5.22
CA LYS B 335 -12.14 16.38 6.53
C LYS B 335 -11.06 15.61 7.28
N LEU B 336 -10.84 15.99 8.54
CA LEU B 336 -10.04 15.16 9.44
C LEU B 336 -11.01 14.12 9.96
N SER B 337 -11.08 13.00 9.26
CA SER B 337 -12.11 12.00 9.50
C SER B 337 -11.77 11.04 10.64
N GLU B 338 -10.48 10.90 10.94
CA GLU B 338 -10.05 10.11 12.09
C GLU B 338 -8.79 10.71 12.71
N PHE B 339 -8.80 10.83 14.04
CA PHE B 339 -7.59 11.10 14.78
C PHE B 339 -7.71 10.31 16.06
N LYS B 340 -7.00 9.17 16.10
CA LYS B 340 -7.15 8.22 17.20
C LYS B 340 -5.80 7.99 17.86
N ILE B 341 -5.71 8.22 19.16
CA ILE B 341 -4.53 7.80 19.89
C ILE B 341 -4.75 6.34 20.28
N VAL B 342 -3.99 5.45 19.65
CA VAL B 342 -4.17 4.01 19.86
C VAL B 342 -3.60 3.58 21.21
N ASN B 343 -2.43 4.10 21.55
CA ASN B 343 -1.88 3.91 22.88
C ASN B 343 -1.01 5.08 23.26
N GLN B 344 -0.90 5.31 24.56
CA GLN B 344 -0.11 6.40 25.07
C GLN B 344 0.32 5.95 26.45
N ASP B 345 1.46 5.29 26.52
CA ASP B 345 1.86 4.56 27.72
C ASP B 345 3.00 5.25 28.45
N PRO B 346 3.04 5.12 29.79
CA PRO B 346 4.14 5.70 30.56
C PRO B 346 5.42 4.89 30.42
N PRO B 347 6.55 5.46 30.82
CA PRO B 347 7.80 4.68 30.85
C PRO B 347 7.77 3.70 32.01
N ALA B 348 8.70 2.75 32.02
CA ALA B 348 8.88 1.87 33.16
C ALA B 348 10.29 2.01 33.71
N LEU B 349 10.42 1.81 35.02
CA LEU B 349 11.70 1.86 35.69
C LEU B 349 12.05 0.44 36.13
N SER B 350 13.28 0.01 35.82
CA SER B 350 13.75 -1.27 36.32
C SER B 350 13.95 -1.21 37.82
N ASP B 351 13.75 -2.34 38.47
CA ASP B 351 13.87 -2.42 39.92
C ASP B 351 15.32 -2.28 40.38
N LYS B 352 15.58 -1.51 41.43
CA LYS B 352 16.95 -1.24 41.83
C LYS B 352 17.69 -2.48 42.33
N LEU B 353 16.98 -3.39 42.99
CA LEU B 353 17.65 -4.61 43.44
C LEU B 353 17.97 -5.54 42.26
N VAL B 354 17.08 -5.61 41.28
CA VAL B 354 17.35 -6.38 40.08
C VAL B 354 18.55 -5.81 39.35
N ILE B 355 18.60 -4.49 39.21
CA ILE B 355 19.75 -3.82 38.61
C ILE B 355 21.06 -4.20 39.32
N LYS B 356 21.04 -4.16 40.64
CA LYS B 356 22.20 -4.49 41.45
C LYS B 356 22.68 -5.92 41.17
N LYS B 357 21.74 -6.86 41.16
CA LYS B 357 22.06 -8.27 40.94
C LYS B 357 22.61 -8.52 39.54
N MET B 358 22.02 -7.86 38.54
CA MET B 358 22.48 -7.98 37.16
C MET B 358 23.90 -7.47 37.00
N ALA B 359 24.17 -6.31 37.59
CA ALA B 359 25.50 -5.74 37.52
C ALA B 359 26.50 -6.62 38.26
N GLU B 360 26.09 -7.20 39.39
CA GLU B 360 26.96 -8.15 40.11
C GLU B 360 27.27 -9.34 39.21
N ALA B 361 26.25 -9.86 38.52
CA ALA B 361 26.43 -11.01 37.65
C ALA B 361 27.42 -10.71 36.54
N ALA B 362 27.27 -9.56 35.88
CA ALA B 362 28.21 -9.15 34.84
C ALA B 362 29.63 -9.04 35.39
N THR B 363 29.76 -8.42 36.56
CA THR B 363 31.07 -8.28 37.21
C THR B 363 31.70 -9.66 37.51
N GLU B 364 30.90 -10.57 38.04
CA GLU B 364 31.41 -11.90 38.38
C GLU B 364 31.82 -12.70 37.14
N LEU B 365 31.24 -12.38 36.01
CA LEU B 365 31.55 -13.04 34.75
C LEU B 365 32.64 -12.31 33.96
N ASN B 366 33.22 -11.28 34.58
CA ASN B 366 34.29 -10.48 33.96
C ASN B 366 33.83 -9.81 32.67
N LEU B 367 32.57 -9.39 32.67
CA LEU B 367 31.96 -8.78 31.50
C LEU B 367 31.81 -7.29 31.71
N SER B 368 32.31 -6.49 30.76
CA SER B 368 32.18 -5.05 30.89
C SER B 368 30.72 -4.65 30.67
N HIS B 369 30.29 -3.61 31.38
CA HIS B 369 28.89 -3.23 31.33
C HIS B 369 28.67 -1.77 31.64
N LYS B 370 27.50 -1.28 31.25
CA LYS B 370 27.05 0.03 31.70
C LYS B 370 25.56 -0.03 31.97
N MET B 371 25.07 0.91 32.77
CA MET B 371 23.65 1.13 32.96
C MET B 371 23.15 2.06 31.87
N MET B 372 22.00 1.73 31.29
CA MET B 372 21.48 2.52 30.17
C MET B 372 19.98 2.32 30.00
N ILE B 373 19.36 3.23 29.25
CA ILE B 373 17.92 3.19 29.00
C ILE B 373 17.60 2.43 27.70
N SER B 374 16.45 1.76 27.67
CA SER B 374 15.91 1.21 26.43
C SER B 374 15.07 2.25 25.69
N ARG B 375 15.35 2.42 24.41
CA ARG B 375 14.57 3.31 23.55
C ARG B 375 13.37 2.55 22.97
N ALA B 376 13.60 1.30 22.55
CA ALA B 376 12.50 0.43 22.14
C ALA B 376 11.64 0.07 23.34
N TYR B 377 10.38 -0.29 23.09
CA TYR B 377 9.57 -0.87 24.15
C TYR B 377 9.68 -2.39 24.06
N HIS B 378 9.18 -3.06 25.10
CA HIS B 378 9.33 -4.51 25.25
C HIS B 378 8.22 -4.97 26.16
N ASP B 379 8.02 -6.28 26.20
CA ASP B 379 7.11 -6.89 27.17
C ASP B 379 7.44 -6.51 28.61
N SER B 380 8.73 -6.28 28.86
CA SER B 380 9.19 -5.81 30.17
C SER B 380 8.46 -4.54 30.62
N LEU B 381 8.05 -3.71 29.67
CA LEU B 381 7.35 -2.47 29.99
C LEU B 381 6.07 -2.77 30.80
N PHE B 382 5.35 -3.81 30.40
CA PHE B 382 4.11 -4.18 31.10
C PHE B 382 4.30 -5.18 32.23
N MET B 383 5.29 -6.07 32.10
CA MET B 383 5.60 -6.96 33.22
C MET B 383 6.01 -6.18 34.47
N ALA B 384 6.60 -5.00 34.29
CA ALA B 384 6.97 -4.14 35.42
C ALA B 384 5.77 -3.74 36.27
N ARG B 385 4.57 -3.85 35.72
CA ARG B 385 3.37 -3.56 36.51
C ARG B 385 3.01 -4.69 37.48
N ILE B 386 3.55 -5.88 37.21
CA ILE B 386 3.26 -7.12 37.94
C ILE B 386 4.34 -7.51 38.92
N SER B 387 5.60 -7.23 38.58
CA SER B 387 6.70 -7.60 39.43
C SER B 387 7.91 -6.74 39.14
N PRO B 388 8.88 -6.72 40.05
CA PRO B 388 10.16 -6.07 39.78
C PRO B 388 10.72 -6.56 38.46
N MET B 389 11.25 -5.65 37.66
CA MET B 389 11.67 -5.97 36.31
C MET B 389 13.10 -5.50 36.06
N GLY B 390 13.80 -6.21 35.17
CA GLY B 390 15.07 -5.76 34.64
C GLY B 390 15.25 -6.30 33.24
N MET B 391 16.18 -5.70 32.49
CA MET B 391 16.54 -6.20 31.18
C MET B 391 18.04 -6.28 31.03
N ILE B 392 18.49 -7.29 30.29
CA ILE B 392 19.88 -7.44 29.89
C ILE B 392 19.99 -7.13 28.41
N PHE B 393 20.74 -6.09 28.06
CA PHE B 393 21.03 -5.80 26.66
C PHE B 393 22.37 -6.44 26.25
N ILE B 394 22.39 -6.97 25.04
CA ILE B 394 23.65 -7.36 24.39
C ILE B 394 23.87 -6.46 23.15
N PRO B 395 25.13 -6.33 22.71
CA PRO B 395 25.40 -5.50 21.53
C PRO B 395 24.76 -6.08 20.27
N CYS B 396 24.52 -5.21 19.32
CA CYS B 396 24.16 -5.66 17.98
C CYS B 396 24.85 -4.77 16.97
N TYR B 397 25.09 -5.34 15.78
CA TYR B 397 25.91 -4.73 14.75
C TYR B 397 25.31 -3.39 14.29
N LYS B 398 26.07 -2.33 14.51
CA LYS B 398 25.70 -0.96 14.13
C LYS B 398 24.35 -0.51 14.68
N GLY B 399 23.86 -1.21 15.69
CA GLY B 399 22.56 -0.95 16.25
C GLY B 399 21.38 -1.34 15.38
N TYR B 400 21.63 -1.95 14.23
CA TYR B 400 20.56 -2.22 13.27
C TYR B 400 19.46 -3.08 13.88
N SER B 401 18.21 -2.71 13.65
CA SER B 401 17.09 -3.57 14.03
C SER B 401 15.89 -3.23 13.16
N HIS B 402 14.90 -4.13 13.15
CA HIS B 402 13.72 -4.01 12.28
C HIS B 402 14.09 -3.98 10.81
N LYS B 403 15.17 -4.69 10.48
CA LYS B 403 15.62 -4.83 9.10
C LYS B 403 16.54 -6.04 9.03
N PRO B 404 16.70 -6.64 7.84
CA PRO B 404 17.47 -7.89 7.74
C PRO B 404 18.96 -7.76 8.08
N GLU B 405 19.49 -6.54 8.14
CA GLU B 405 20.88 -6.33 8.53
C GLU B 405 21.14 -6.54 10.03
N GLU B 406 20.08 -6.66 10.81
CA GLU B 406 20.19 -6.92 12.26
C GLU B 406 21.08 -8.13 12.53
N TYR B 407 21.98 -7.99 13.48
CA TYR B 407 22.91 -9.09 13.77
C TYR B 407 23.47 -8.95 15.18
N SER B 408 23.49 -10.05 15.91
CA SER B 408 24.25 -10.14 17.16
C SER B 408 25.08 -11.42 17.08
N SER B 409 26.34 -11.32 17.48
CA SER B 409 27.27 -12.44 17.32
C SER B 409 26.97 -13.58 18.30
N PRO B 410 27.42 -14.80 17.96
CA PRO B 410 27.27 -15.89 18.92
C PRO B 410 27.92 -15.58 20.28
N GLU B 411 29.06 -14.90 20.29
CA GLU B 411 29.69 -14.50 21.56
C GLU B 411 28.81 -13.55 22.34
N ASP B 412 28.26 -12.55 21.67
CA ASP B 412 27.42 -11.60 22.39
C ASP B 412 26.17 -12.25 22.98
N MET B 413 25.57 -13.17 22.23
CA MET B 413 24.40 -13.89 22.73
C MET B 413 24.78 -14.77 23.91
N ALA B 414 25.90 -15.48 23.79
CA ALA B 414 26.38 -16.31 24.89
C ALA B 414 26.63 -15.50 26.15
N ASN B 415 27.26 -14.34 26.03
CA ASN B 415 27.46 -13.48 27.20
C ASN B 415 26.14 -13.09 27.85
N GLY B 416 25.16 -12.74 27.02
CA GLY B 416 23.86 -12.37 27.55
C GLY B 416 23.20 -13.53 28.25
N VAL B 417 23.31 -14.72 27.66
CA VAL B 417 22.77 -15.92 28.28
C VAL B 417 23.45 -16.21 29.63
N LYS B 418 24.76 -16.00 29.71
CA LYS B 418 25.45 -16.20 30.98
C LYS B 418 24.96 -15.23 32.03
N VAL B 419 24.82 -13.96 31.68
CA VAL B 419 24.29 -12.99 32.64
C VAL B 419 22.88 -13.33 33.06
N LEU B 420 22.05 -13.77 32.11
CA LEU B 420 20.69 -14.17 32.44
C LEU B 420 20.69 -15.35 33.40
N SER B 421 21.49 -16.37 33.08
CA SER B 421 21.60 -17.54 33.94
C SER B 421 21.99 -17.16 35.36
N LEU B 422 23.02 -16.35 35.48
CA LEU B 422 23.54 -15.99 36.80
C LEU B 422 22.56 -15.07 37.57
N THR B 423 21.89 -14.15 36.87
CA THR B 423 20.91 -13.29 37.52
C THR B 423 19.70 -14.10 37.97
N LEU B 424 19.24 -15.03 37.14
CA LEU B 424 18.14 -15.91 37.54
C LEU B 424 18.53 -16.69 38.79
N ALA B 425 19.76 -17.20 38.80
CA ALA B 425 20.23 -17.98 39.95
C ALA B 425 20.24 -17.12 41.21
N LYS B 426 20.77 -15.90 41.11
CA LYS B 426 20.80 -15.00 42.27
C LYS B 426 19.39 -14.71 42.79
N LEU B 427 18.46 -14.42 41.90
CA LEU B 427 17.11 -14.09 42.31
C LEU B 427 16.38 -15.30 42.86
N SER B 428 16.68 -16.48 42.32
CA SER B 428 16.04 -17.71 42.79
C SER B 428 16.39 -17.97 44.25
N LEU B 429 17.57 -17.52 44.67
CA LEU B 429 18.03 -17.71 46.04
C LEU B 429 17.84 -16.46 46.91
N ASP B 430 16.93 -15.58 46.48
CA ASP B 430 16.56 -14.37 47.25
C ASP B 430 15.14 -14.49 47.85
#